data_6MVR
#
_entry.id   6MVR
#
_cell.length_a   79.593
_cell.length_b   159.388
_cell.length_c   62.677
_cell.angle_alpha   90.000
_cell.angle_beta   90.000
_cell.angle_gamma   90.000
#
_symmetry.space_group_name_H-M   'P 21 21 2'
#
loop_
_entity.id
_entity.type
_entity.pdbx_description
1 polymer 'Aldehyde dehydrogenase'
2 non-polymer 'SULFATE ION'
3 non-polymer GLYCEROL
4 water water
#
_entity_poly.entity_id   1
_entity_poly.type   'polypeptide(L)'
_entity_poly.pdbx_seq_one_letter_code
;SMTVKEIFETMDYGPAPESAKEAYAWLAEKGDFGHFIGGAWTAPGDLFATVNPATGQTLAQVSQATQADVDAAVKAARKA
QPAWAKDGAARARVLYALARLLQKHARLFAVLETLDNGKPIREARDIDVPLAQRHFYHHAGYAQLMGTEMPDRAPLGVCG
QVIPWNFPLLMLAWKIAPALAMGNTVVLKPAEWTPLTALLFADICGQAGVPAGVVNIVTGDGAVGEMIVTAQVDKVAFTG
STAVGRRIREATAGTGKALSLELGGKGPYVVCDDADIDSAVEGLVDAIWFNQGQVCCAGSRLLVQEGIADVFHAKLRARM
DSLRIGDPLDKCIDIGAMVHPDQLARVRDMVAANTDGEVYQTAVPAGCYYPPTLISGLAPASPLMQQEIFGPVLVSTTFR
TPAEAVEIANNTAYGLAASVWSENVNLALDLAPKLVAGIVWINGTNMMDAAAPFGGVRESGFGREGGWEGLAGYTRPAIA
TKSPAAVAAYTGDGAADGLDRTAKLYIGGKQTRPDGGYSRAVYGPKGKLLGHASLSNRKDLRNAVEAMNAASGWSRTTGH
LRAQILYFIGENLSARADEFANRIKDMTGKDGKAEVAASIDRLFSAAAWADKYDGQVKGVPLRGVALAMKEPVGKIGILC
PDAAPLLGLVSLMAPAIAMGNRVTLAASEAFPLAATDFYQVLDTSDVPAGVVNILTGAHADLAEPMARHLDLDAVWGLSG
HAQVIEAASAGNLKRSWTGPFDPAHDHTRDILSHATEVKTIWVPYGA
;
_entity_poly.pdbx_strand_id   A
#
loop_
_chem_comp.id
_chem_comp.type
_chem_comp.name
_chem_comp.formula
GOL non-polymer GLYCEROL 'C3 H8 O3'
SO4 non-polymer 'SULFATE ION' 'O4 S -2'
#
# COMPACT_ATOMS: atom_id res chain seq x y z
N PRO A 17 8.51 -27.78 28.95
CA PRO A 17 8.37 -26.55 28.18
C PRO A 17 9.31 -25.43 28.67
N GLU A 18 9.22 -24.27 28.02
CA GLU A 18 10.13 -23.16 28.30
C GLU A 18 9.73 -22.42 29.56
N SER A 19 10.73 -22.00 30.34
CA SER A 19 10.45 -21.28 31.57
C SER A 19 9.97 -19.87 31.28
N ALA A 20 8.88 -19.48 31.92
CA ALA A 20 8.34 -18.13 31.85
C ALA A 20 8.74 -17.29 33.06
N LYS A 21 9.67 -17.79 33.90
CA LYS A 21 9.96 -17.16 35.18
C LYS A 21 10.49 -15.74 34.99
N GLU A 22 11.39 -15.52 34.03
CA GLU A 22 11.90 -14.16 33.86
C GLU A 22 10.82 -13.23 33.33
N ALA A 23 9.94 -13.73 32.46
CA ALA A 23 8.84 -12.91 31.95
C ALA A 23 7.88 -12.53 33.08
N TYR A 24 7.57 -13.49 33.96
CA TYR A 24 6.70 -13.21 35.09
C TYR A 24 7.34 -12.23 36.05
N ALA A 25 8.65 -12.35 36.26
CA ALA A 25 9.35 -11.39 37.11
C ALA A 25 9.25 -9.98 36.53
N TRP A 26 9.45 -9.85 35.22
CA TRP A 26 9.33 -8.52 34.63
C TRP A 26 7.92 -7.97 34.78
N LEU A 27 6.91 -8.80 34.55
CA LEU A 27 5.52 -8.34 34.68
C LEU A 27 5.22 -7.92 36.10
N ALA A 28 5.74 -8.65 37.09
CA ALA A 28 5.54 -8.29 38.49
C ALA A 28 6.26 -6.99 38.82
N GLU A 29 7.43 -6.77 38.21
CA GLU A 29 8.16 -5.53 38.42
C GLU A 29 7.37 -4.33 37.89
N LYS A 30 6.84 -4.47 36.67
CA LYS A 30 6.20 -3.35 36.01
C LYS A 30 4.84 -3.04 36.61
N GLY A 31 4.27 -3.97 37.37
CA GLY A 31 2.99 -3.80 37.99
C GLY A 31 1.94 -3.45 36.96
N ASP A 32 0.89 -2.82 37.46
CA ASP A 32 -0.11 -2.21 36.60
C ASP A 32 0.55 -1.20 35.66
N PHE A 33 0.23 -1.25 34.37
CA PHE A 33 0.89 -0.43 33.37
C PHE A 33 0.13 0.86 33.13
N GLY A 34 0.85 1.97 33.11
CA GLY A 34 0.43 3.18 32.42
C GLY A 34 0.98 3.18 31.02
N HIS A 35 1.27 4.36 30.48
CA HIS A 35 1.78 4.49 29.12
C HIS A 35 3.21 5.00 29.15
N PHE A 36 3.89 4.89 28.02
CA PHE A 36 5.27 5.32 27.87
C PHE A 36 5.23 6.61 27.06
N ILE A 37 5.33 7.76 27.74
CA ILE A 37 5.15 9.06 27.12
C ILE A 37 6.31 9.95 27.55
N GLY A 38 6.94 10.62 26.58
CA GLY A 38 8.03 11.53 26.89
C GLY A 38 9.20 10.87 27.57
N GLY A 39 9.47 9.60 27.25
CA GLY A 39 10.58 8.90 27.86
C GLY A 39 10.31 8.34 29.24
N ALA A 40 9.10 8.49 29.78
CA ALA A 40 8.82 8.03 31.14
C ALA A 40 7.50 7.26 31.17
N TRP A 41 7.33 6.47 32.23
CA TRP A 41 6.10 5.72 32.44
C TRP A 41 5.09 6.56 33.23
N THR A 42 3.87 6.64 32.72
CA THR A 42 2.85 7.39 33.42
C THR A 42 2.12 6.51 34.41
N ALA A 43 1.37 7.14 35.32
CA ALA A 43 0.62 6.41 36.32
C ALA A 43 -0.40 5.48 35.65
N PRO A 44 -0.63 4.28 36.18
CA PRO A 44 -1.70 3.44 35.65
C PRO A 44 -3.02 4.18 35.73
N GLY A 45 -3.85 3.98 34.72
CA GLY A 45 -5.13 4.69 34.68
C GLY A 45 -6.31 3.74 34.79
N ASP A 46 -7.16 3.78 33.79
CA ASP A 46 -8.37 2.97 33.70
C ASP A 46 -7.95 1.58 33.24
N LEU A 47 -7.87 0.61 34.17
CA LEU A 47 -7.15 -0.63 33.94
C LEU A 47 -8.04 -1.78 33.47
N PHE A 48 -7.50 -2.60 32.58
CA PHE A 48 -8.17 -3.83 32.16
C PHE A 48 -7.17 -4.98 32.09
N ALA A 49 -7.59 -6.15 32.56
CA ALA A 49 -6.73 -7.34 32.51
C ALA A 49 -6.35 -7.69 31.08
N THR A 50 -5.08 -8.01 30.87
CA THR A 50 -4.65 -8.71 29.66
C THR A 50 -4.35 -10.15 30.04
N VAL A 51 -4.88 -11.08 29.25
CA VAL A 51 -5.05 -12.48 29.68
C VAL A 51 -4.23 -13.39 28.78
N ASN A 52 -3.56 -14.36 29.39
CA ASN A 52 -2.93 -15.44 28.63
C ASN A 52 -4.03 -16.29 27.98
N PRO A 53 -4.13 -16.33 26.64
CA PRO A 53 -5.25 -17.07 26.03
C PRO A 53 -5.13 -18.56 26.20
N ALA A 54 -3.94 -19.09 26.46
CA ALA A 54 -3.78 -20.52 26.65
C ALA A 54 -4.19 -20.97 28.06
N THR A 55 -4.10 -20.10 29.06
CA THR A 55 -4.44 -20.49 30.42
C THR A 55 -5.63 -19.75 31.01
N GLY A 56 -6.07 -18.65 30.40
CA GLY A 56 -7.09 -17.82 30.97
C GLY A 56 -6.63 -16.94 32.12
N GLN A 57 -5.37 -17.01 32.53
CA GLN A 57 -4.88 -16.25 33.67
C GLN A 57 -4.55 -14.80 33.27
N THR A 58 -4.78 -13.89 34.21
CA THR A 58 -4.40 -12.50 34.00
C THR A 58 -2.88 -12.36 34.08
N LEU A 59 -2.30 -11.74 33.06
CA LEU A 59 -0.86 -11.52 32.99
C LEU A 59 -0.46 -10.20 33.63
N ALA A 60 -1.26 -9.16 33.40
CA ALA A 60 -1.00 -7.82 33.90
C ALA A 60 -2.26 -6.99 33.70
N GLN A 61 -2.35 -5.90 34.45
CA GLN A 61 -3.34 -4.85 34.20
C GLN A 61 -2.71 -3.78 33.33
N VAL A 62 -3.45 -3.37 32.29
CA VAL A 62 -2.98 -2.45 31.25
C VAL A 62 -4.04 -1.37 31.08
N SER A 63 -3.60 -0.13 30.82
CA SER A 63 -4.51 1.02 30.81
C SER A 63 -5.22 1.18 29.47
N GLN A 64 -6.45 1.71 29.53
CA GLN A 64 -7.14 2.26 28.36
C GLN A 64 -6.80 3.74 28.31
N ALA A 65 -6.03 4.16 27.30
CA ALA A 65 -5.59 5.55 27.25
C ALA A 65 -6.78 6.52 27.12
N THR A 66 -6.60 7.73 27.65
CA THR A 66 -7.55 8.81 27.48
C THR A 66 -7.16 9.69 26.29
N GLN A 67 -8.07 10.59 25.90
CA GLN A 67 -7.70 11.63 24.94
C GLN A 67 -6.55 12.48 25.47
N ALA A 68 -6.54 12.77 26.78
CA ALA A 68 -5.43 13.50 27.37
C ALA A 68 -4.10 12.77 27.16
N ASP A 69 -4.10 11.43 27.27
CA ASP A 69 -2.89 10.65 27.09
C ASP A 69 -2.38 10.75 25.65
N VAL A 70 -3.27 10.55 24.69
CA VAL A 70 -2.87 10.65 23.28
C VAL A 70 -2.35 12.05 22.97
N ASP A 71 -3.06 13.08 23.43
CA ASP A 71 -2.56 14.45 23.26
C ASP A 71 -1.16 14.60 23.82
N ALA A 72 -0.94 14.09 25.02
CA ALA A 72 0.37 14.19 25.66
C ALA A 72 1.43 13.44 24.86
N ALA A 73 1.09 12.24 24.36
CA ALA A 73 2.05 11.46 23.60
C ALA A 73 2.46 12.18 22.32
N VAL A 74 1.48 12.72 21.60
CA VAL A 74 1.79 13.44 20.36
C VAL A 74 2.58 14.71 20.69
N LYS A 75 2.23 15.40 21.78
CA LYS A 75 2.97 16.60 22.16
C LYS A 75 4.43 16.28 22.48
N ALA A 76 4.68 15.13 23.13
CA ALA A 76 6.05 14.74 23.46
C ALA A 76 6.82 14.30 22.21
N ALA A 77 6.14 13.60 21.31
CA ALA A 77 6.75 13.20 20.05
C ALA A 77 7.12 14.42 19.22
N ARG A 78 6.26 15.45 19.25
CA ARG A 78 6.54 16.66 18.49
C ARG A 78 7.72 17.43 19.07
N LYS A 79 7.75 17.57 20.39
CA LYS A 79 8.83 18.28 21.07
C LYS A 79 10.19 17.65 20.77
N ALA A 80 10.25 16.32 20.68
CA ALA A 80 11.52 15.63 20.50
C ALA A 80 12.00 15.58 19.05
N GLN A 81 11.11 15.85 18.08
CA GLN A 81 11.41 15.45 16.71
C GLN A 81 12.54 16.28 16.07
N PRO A 82 12.58 17.61 16.20
CA PRO A 82 13.65 18.34 15.47
C PRO A 82 15.08 17.98 15.90
N ALA A 83 15.33 17.83 17.20
CA ALA A 83 16.65 17.36 17.62
C ALA A 83 16.94 15.96 17.09
N TRP A 84 15.93 15.07 17.13
CA TRP A 84 16.09 13.72 16.61
C TRP A 84 16.41 13.73 15.12
N ALA A 85 15.76 14.62 14.36
CA ALA A 85 15.97 14.69 12.91
C ALA A 85 17.36 15.19 12.54
N LYS A 86 18.04 15.89 13.45
CA LYS A 86 19.22 16.66 13.06
C LYS A 86 20.41 15.77 12.70
N ASP A 87 20.58 14.64 13.38
CA ASP A 87 21.82 13.86 13.27
C ASP A 87 21.49 12.40 12.93
N GLY A 88 21.63 12.04 11.66
CA GLY A 88 21.26 10.69 11.24
C GLY A 88 22.19 9.63 11.78
N ALA A 89 23.49 9.96 11.87
CA ALA A 89 24.45 9.04 12.47
C ALA A 89 24.08 8.73 13.90
N ALA A 90 23.62 9.74 14.66
CA ALA A 90 23.19 9.46 16.02
C ALA A 90 21.99 8.53 16.04
N ARG A 91 21.05 8.70 15.09
CA ARG A 91 19.89 7.81 15.05
C ARG A 91 20.32 6.38 14.71
N ALA A 92 21.31 6.24 13.84
CA ALA A 92 21.79 4.91 13.49
C ALA A 92 22.32 4.17 14.70
N ARG A 93 23.07 4.87 15.58
CA ARG A 93 23.58 4.22 16.78
C ARG A 93 22.46 3.75 17.69
N VAL A 94 21.38 4.53 17.79
CA VAL A 94 20.24 4.15 18.63
C VAL A 94 19.51 2.95 18.02
N LEU A 95 19.26 3.00 16.71
CA LEU A 95 18.61 1.86 16.06
C LEU A 95 19.44 0.59 16.21
N TYR A 96 20.77 0.71 16.04
CA TYR A 96 21.64 -0.43 16.29
C TYR A 96 21.54 -0.89 17.74
N ALA A 97 21.50 0.05 18.69
CA ALA A 97 21.41 -0.34 20.09
C ALA A 97 20.10 -1.06 20.40
N LEU A 98 19.00 -0.62 19.76
CA LEU A 98 17.74 -1.33 19.94
C LEU A 98 17.82 -2.76 19.40
N ALA A 99 18.45 -2.95 18.25
CA ALA A 99 18.61 -4.31 17.72
C ALA A 99 19.45 -5.16 18.67
N ARG A 100 20.52 -4.58 19.25
CA ARG A 100 21.36 -5.37 20.17
C ARG A 100 20.57 -5.78 21.41
N LEU A 101 19.67 -4.91 21.88
CA LEU A 101 18.87 -5.21 23.07
C LEU A 101 17.77 -6.23 22.77
N LEU A 102 17.17 -6.16 21.58
CA LEU A 102 16.28 -7.23 21.16
C LEU A 102 17.00 -8.57 21.11
N GLN A 103 18.27 -8.56 20.68
CA GLN A 103 19.03 -9.80 20.60
C GLN A 103 19.44 -10.29 21.98
N LYS A 104 19.94 -9.39 22.83
CA LYS A 104 20.32 -9.77 24.19
C LYS A 104 19.14 -10.33 24.98
N HIS A 105 17.96 -9.71 24.84
CA HIS A 105 16.76 -10.12 25.55
C HIS A 105 15.84 -10.96 24.68
N ALA A 106 16.40 -11.62 23.66
CA ALA A 106 15.59 -12.35 22.69
C ALA A 106 14.67 -13.36 23.36
N ARG A 107 15.19 -14.11 24.33
CA ARG A 107 14.39 -15.18 24.95
C ARG A 107 13.24 -14.61 25.76
N LEU A 108 13.45 -13.45 26.39
CA LEU A 108 12.39 -12.79 27.15
C LEU A 108 11.29 -12.29 26.22
N PHE A 109 11.67 -11.57 25.16
CA PHE A 109 10.70 -11.12 24.17
C PHE A 109 9.88 -12.29 23.61
N ALA A 110 10.56 -13.41 23.34
CA ALA A 110 9.87 -14.55 22.74
C ALA A 110 8.86 -15.16 23.69
N VAL A 111 9.26 -15.43 24.95
CA VAL A 111 8.32 -16.00 25.91
C VAL A 111 7.15 -15.05 26.14
N LEU A 112 7.43 -13.75 26.26
CA LEU A 112 6.34 -12.81 26.51
C LEU A 112 5.38 -12.76 25.33
N GLU A 113 5.91 -12.88 24.10
CA GLU A 113 5.03 -12.93 22.94
C GLU A 113 4.11 -14.16 23.01
N THR A 114 4.68 -15.31 23.35
CA THR A 114 3.87 -16.52 23.50
C THR A 114 2.82 -16.37 24.60
N LEU A 115 3.22 -15.84 25.76
CA LEU A 115 2.28 -15.67 26.87
C LEU A 115 1.12 -14.77 26.47
N ASP A 116 1.42 -13.70 25.75
CA ASP A 116 0.45 -12.64 25.47
C ASP A 116 -0.46 -12.99 24.31
N ASN A 117 0.08 -13.63 23.27
CA ASN A 117 -0.64 -13.84 22.00
C ASN A 117 -1.08 -15.28 21.81
N GLY A 118 -0.35 -16.26 22.33
CA GLY A 118 -0.75 -17.65 22.23
C GLY A 118 0.06 -18.47 21.25
N LYS A 119 0.94 -17.83 20.47
CA LYS A 119 1.67 -18.52 19.43
C LYS A 119 2.74 -19.46 19.99
N PRO A 120 3.05 -20.53 19.27
CA PRO A 120 4.11 -21.46 19.71
C PRO A 120 5.43 -20.75 19.94
N ILE A 121 6.07 -21.07 21.06
CA ILE A 121 7.35 -20.44 21.42
C ILE A 121 8.39 -20.67 20.33
N ARG A 122 8.33 -21.78 19.61
CA ARG A 122 9.30 -22.02 18.54
C ARG A 122 9.17 -20.99 17.43
N GLU A 123 7.94 -20.58 17.11
CA GLU A 123 7.81 -19.52 16.11
C GLU A 123 8.30 -18.18 16.65
N ALA A 124 7.95 -17.85 17.88
CA ALA A 124 8.37 -16.57 18.45
C ALA A 124 9.88 -16.47 18.50
N ARG A 125 10.56 -17.56 18.87
CA ARG A 125 12.02 -17.57 18.97
C ARG A 125 12.72 -17.67 17.61
N ASP A 126 12.14 -18.42 16.67
CA ASP A 126 12.82 -18.66 15.40
C ASP A 126 12.46 -17.64 14.34
N ILE A 127 11.28 -17.04 14.42
CA ILE A 127 10.79 -16.17 13.34
C ILE A 127 10.63 -14.75 13.85
N ASP A 128 9.70 -14.54 14.79
CA ASP A 128 9.28 -13.20 15.18
C ASP A 128 10.46 -12.36 15.68
N VAL A 129 11.16 -12.84 16.70
CA VAL A 129 12.19 -12.02 17.36
C VAL A 129 13.39 -11.84 16.43
N PRO A 130 13.91 -12.88 15.77
CA PRO A 130 15.01 -12.64 14.84
C PRO A 130 14.66 -11.65 13.73
N LEU A 131 13.45 -11.69 13.17
CA LEU A 131 13.14 -10.71 12.12
C LEU A 131 13.00 -9.31 12.68
N ALA A 132 12.50 -9.18 13.91
CA ALA A 132 12.44 -7.85 14.53
C ALA A 132 13.83 -7.27 14.74
N GLN A 133 14.76 -8.09 15.26
CA GLN A 133 16.17 -7.70 15.41
C GLN A 133 16.74 -7.20 14.09
N ARG A 134 16.64 -8.05 13.06
CA ARG A 134 17.18 -7.72 11.74
C ARG A 134 16.56 -6.45 11.19
N HIS A 135 15.27 -6.23 11.43
CA HIS A 135 14.65 -5.01 10.93
C HIS A 135 15.35 -3.77 11.49
N PHE A 136 15.68 -3.80 12.79
CA PHE A 136 16.37 -2.66 13.39
C PHE A 136 17.83 -2.59 12.96
N TYR A 137 18.54 -3.73 12.93
CA TYR A 137 19.92 -3.74 12.43
C TYR A 137 20.00 -3.12 11.05
N HIS A 138 19.13 -3.59 10.16
CA HIS A 138 19.16 -3.17 8.77
C HIS A 138 18.78 -1.70 8.62
N HIS A 139 17.72 -1.25 9.31
CA HIS A 139 17.30 0.13 9.14
C HIS A 139 18.23 1.12 9.82
N ALA A 140 19.07 0.69 10.77
CA ALA A 140 20.08 1.60 11.29
C ALA A 140 20.87 2.23 10.16
N GLY A 141 21.22 1.43 9.14
CA GLY A 141 22.02 1.94 8.03
C GLY A 141 21.33 3.01 7.21
N TYR A 142 20.00 2.95 7.08
CA TYR A 142 19.29 4.00 6.35
C TYR A 142 19.41 5.36 7.05
N ALA A 143 19.40 5.35 8.39
CA ALA A 143 19.61 6.60 9.12
C ALA A 143 21.01 7.16 8.84
N GLN A 144 22.01 6.27 8.81
CA GLN A 144 23.39 6.67 8.54
C GLN A 144 23.53 7.28 7.15
N LEU A 145 22.82 6.75 6.16
CA LEU A 145 22.96 7.16 4.77
C LEU A 145 21.97 8.23 4.33
N MET A 146 21.01 8.60 5.18
CA MET A 146 19.90 9.42 4.72
C MET A 146 20.39 10.77 4.17
N GLY A 147 21.24 11.46 4.94
CA GLY A 147 21.71 12.76 4.50
C GLY A 147 22.34 12.76 3.11
N THR A 148 23.20 11.77 2.83
CA THR A 148 23.94 11.78 1.57
C THR A 148 23.25 11.02 0.44
N GLU A 149 22.56 9.93 0.72
CA GLU A 149 21.92 9.18 -0.36
C GLU A 149 20.49 9.64 -0.64
N MET A 150 19.87 10.37 0.27
CA MET A 150 18.51 10.88 0.06
C MET A 150 18.50 12.39 0.28
N PRO A 151 19.40 13.13 -0.38
CA PRO A 151 19.57 14.56 -0.04
C PRO A 151 18.35 15.42 -0.31
N ASP A 152 17.48 15.01 -1.22
CA ASP A 152 16.26 15.76 -1.52
C ASP A 152 15.09 15.41 -0.61
N ARG A 153 15.33 14.67 0.47
CA ARG A 153 14.26 14.19 1.35
C ARG A 153 14.48 14.67 2.77
N ALA A 154 13.39 14.82 3.51
CA ALA A 154 13.44 15.25 4.91
C ALA A 154 12.38 14.49 5.70
N PRO A 155 12.53 14.40 7.02
CA PRO A 155 11.54 13.70 7.84
C PRO A 155 10.13 14.27 7.67
N LEU A 156 9.12 13.41 7.87
CA LEU A 156 7.75 13.90 7.89
C LEU A 156 7.46 14.63 9.20
N GLY A 157 7.94 14.11 10.32
CA GLY A 157 7.61 14.68 11.63
C GLY A 157 7.18 13.61 12.62
N VAL A 158 5.90 13.62 13.00
CA VAL A 158 5.36 12.67 13.97
C VAL A 158 4.47 11.68 13.25
N CYS A 159 4.65 10.40 13.55
CA CYS A 159 3.87 9.31 12.95
C CYS A 159 2.97 8.66 13.99
N GLY A 160 1.67 8.59 13.70
CA GLY A 160 0.77 7.78 14.49
C GLY A 160 0.67 6.39 13.87
N GLN A 161 0.86 5.36 14.70
CA GLN A 161 0.97 4.00 14.19
C GLN A 161 0.08 3.05 14.99
N VAL A 162 -0.60 2.16 14.26
CA VAL A 162 -1.56 1.22 14.84
C VAL A 162 -1.31 -0.14 14.21
N ILE A 163 -1.20 -1.17 15.04
CA ILE A 163 -0.77 -2.50 14.58
C ILE A 163 -1.66 -3.58 15.16
N PRO A 164 -1.72 -4.75 14.51
CA PRO A 164 -2.64 -5.82 14.95
C PRO A 164 -2.01 -6.80 15.91
N TRP A 165 -2.77 -7.84 16.27
CA TRP A 165 -2.40 -8.76 17.34
C TRP A 165 -1.66 -10.00 16.87
N ASN A 166 -1.54 -10.23 15.56
CA ASN A 166 -1.03 -11.53 15.11
C ASN A 166 0.49 -11.67 15.31
N PHE A 167 1.24 -10.60 15.06
CA PHE A 167 2.70 -10.60 15.22
C PHE A 167 3.08 -9.32 15.97
N PRO A 168 2.82 -9.27 17.28
CA PRO A 168 2.89 -7.96 17.98
C PRO A 168 4.25 -7.30 17.92
N LEU A 169 5.33 -8.00 18.28
CA LEU A 169 6.66 -7.39 18.24
C LEU A 169 7.10 -7.11 16.81
N LEU A 170 6.90 -8.06 15.90
CA LEU A 170 7.39 -7.87 14.53
C LEU A 170 6.65 -6.73 13.85
N MET A 171 5.33 -6.64 14.05
CA MET A 171 4.57 -5.51 13.50
C MET A 171 5.08 -4.19 14.05
N LEU A 172 5.50 -4.16 15.32
CA LEU A 172 6.05 -2.94 15.90
C LEU A 172 7.35 -2.56 15.21
N ALA A 173 8.23 -3.54 15.00
CA ALA A 173 9.49 -3.29 14.30
C ALA A 173 9.24 -2.73 12.90
N TRP A 174 8.27 -3.31 12.19
CA TRP A 174 7.98 -2.86 10.83
C TRP A 174 7.52 -1.42 10.80
N LYS A 175 6.93 -0.94 11.88
CA LYS A 175 6.49 0.45 11.96
C LYS A 175 7.58 1.38 12.49
N ILE A 176 8.20 1.00 13.62
CA ILE A 176 9.06 1.95 14.32
C ILE A 176 10.43 2.10 13.65
N ALA A 177 11.00 1.00 13.11
CA ALA A 177 12.35 1.08 12.56
C ALA A 177 12.48 2.06 11.40
N PRO A 178 11.67 1.99 10.34
CA PRO A 178 11.82 2.98 9.26
C PRO A 178 11.42 4.38 9.69
N ALA A 179 10.40 4.53 10.53
CA ALA A 179 10.01 5.86 10.97
C ALA A 179 11.17 6.56 11.68
N LEU A 180 11.80 5.85 12.62
CA LEU A 180 12.95 6.40 13.32
C LEU A 180 14.13 6.62 12.38
N ALA A 181 14.38 5.68 11.46
CA ALA A 181 15.52 5.83 10.57
C ALA A 181 15.46 7.15 9.80
N MET A 182 14.28 7.52 9.31
CA MET A 182 14.11 8.74 8.55
C MET A 182 13.89 9.98 9.42
N GLY A 183 14.17 9.92 10.71
CA GLY A 183 14.15 11.14 11.52
C GLY A 183 12.78 11.53 12.04
N ASN A 184 11.80 10.63 12.02
CA ASN A 184 10.50 10.87 12.61
C ASN A 184 10.47 10.36 14.04
N THR A 185 9.48 10.83 14.80
CA THR A 185 9.14 10.28 16.09
C THR A 185 7.77 9.59 15.99
N VAL A 186 7.44 8.75 16.98
CA VAL A 186 6.28 7.87 16.82
C VAL A 186 5.41 7.91 18.07
N VAL A 187 4.11 7.77 17.83
CA VAL A 187 3.14 7.38 18.84
C VAL A 187 2.50 6.10 18.31
N LEU A 188 2.78 4.97 18.97
CA LEU A 188 2.27 3.69 18.50
C LEU A 188 1.38 3.04 19.56
N LYS A 189 0.28 2.43 19.09
CA LYS A 189 -0.62 1.69 19.95
C LYS A 189 -0.59 0.22 19.53
N PRO A 190 -0.20 -0.70 20.40
CA PRO A 190 -0.34 -2.12 20.05
C PRO A 190 -1.80 -2.53 20.09
N ALA A 191 -2.06 -3.73 19.58
CA ALA A 191 -3.41 -4.26 19.59
C ALA A 191 -3.90 -4.39 21.04
N GLU A 192 -5.19 -4.12 21.25
CA GLU A 192 -5.78 -4.24 22.57
C GLU A 192 -5.46 -5.59 23.21
N TRP A 193 -5.50 -6.67 22.43
CA TRP A 193 -5.33 -8.01 22.99
C TRP A 193 -3.87 -8.35 23.29
N THR A 194 -2.89 -7.65 22.71
CA THR A 194 -1.49 -8.08 22.78
C THR A 194 -0.56 -6.89 23.02
N PRO A 195 -0.65 -6.26 24.20
CA PRO A 195 0.18 -5.07 24.46
C PRO A 195 1.57 -5.34 25.02
N LEU A 196 1.90 -6.57 25.42
CA LEU A 196 3.00 -6.75 26.36
C LEU A 196 4.38 -6.57 25.72
N THR A 197 4.62 -7.12 24.52
CA THR A 197 5.96 -6.92 23.96
C THR A 197 6.19 -5.47 23.54
N ALA A 198 5.14 -4.73 23.20
CA ALA A 198 5.31 -3.30 22.95
C ALA A 198 5.69 -2.56 24.22
N LEU A 199 5.15 -3.00 25.36
CA LEU A 199 5.48 -2.38 26.62
C LEU A 199 6.90 -2.73 27.05
N LEU A 200 7.36 -3.96 26.77
CA LEU A 200 8.76 -4.29 27.02
C LEU A 200 9.67 -3.53 26.06
N PHE A 201 9.24 -3.36 24.79
CA PHE A 201 10.01 -2.52 23.87
C PHE A 201 10.17 -1.10 24.42
N ALA A 202 9.07 -0.53 24.91
CA ALA A 202 9.15 0.78 25.56
C ALA A 202 10.17 0.76 26.69
N ASP A 203 10.18 -0.32 27.47
CA ASP A 203 11.01 -0.42 28.65
C ASP A 203 12.49 -0.52 28.32
N ILE A 204 12.85 -0.92 27.10
CA ILE A 204 14.27 -0.95 26.71
C ILE A 204 14.71 0.30 25.95
N CYS A 205 13.80 1.23 25.65
CA CYS A 205 14.19 2.41 24.87
C CYS A 205 15.21 3.26 25.63
N GLY A 206 15.03 3.41 26.94
CA GLY A 206 15.99 4.17 27.71
C GLY A 206 17.41 3.61 27.60
N GLN A 207 17.57 2.31 27.84
CA GLN A 207 18.88 1.66 27.76
C GLN A 207 19.48 1.79 26.36
N ALA A 208 18.65 1.85 25.33
CA ALA A 208 19.14 1.95 23.96
C ALA A 208 19.56 3.37 23.60
N GLY A 209 19.28 4.35 24.47
CA GLY A 209 19.61 5.72 24.18
C GLY A 209 18.58 6.46 23.34
N VAL A 210 17.37 5.92 23.20
CA VAL A 210 16.27 6.63 22.55
C VAL A 210 16.05 7.94 23.31
N PRO A 211 16.22 9.09 22.70
CA PRO A 211 15.96 10.35 23.43
C PRO A 211 14.50 10.43 23.86
N ALA A 212 14.28 11.08 25.02
CA ALA A 212 12.94 11.15 25.60
C ALA A 212 11.93 11.71 24.60
N GLY A 213 10.84 10.97 24.39
CA GLY A 213 9.80 11.40 23.48
C GLY A 213 9.96 10.93 22.05
N VAL A 214 11.09 10.33 21.69
CA VAL A 214 11.22 9.85 20.32
C VAL A 214 10.34 8.64 20.09
N VAL A 215 10.17 7.79 21.11
CA VAL A 215 9.22 6.68 21.06
C VAL A 215 8.19 6.87 22.16
N ASN A 216 6.91 6.74 21.81
CA ASN A 216 5.80 6.81 22.75
C ASN A 216 4.85 5.66 22.46
N ILE A 217 4.52 4.89 23.49
CA ILE A 217 3.63 3.73 23.39
C ILE A 217 2.42 4.00 24.27
N VAL A 218 1.23 4.00 23.68
CA VAL A 218 0.01 4.08 24.48
C VAL A 218 -0.83 2.85 24.17
N THR A 219 -1.62 2.42 25.15
CA THR A 219 -2.40 1.20 25.04
C THR A 219 -3.88 1.52 25.04
N GLY A 220 -4.67 0.66 24.41
CA GLY A 220 -6.11 0.85 24.39
C GLY A 220 -6.76 0.08 23.27
N ASP A 221 -8.08 0.29 23.16
CA ASP A 221 -8.92 -0.37 22.17
C ASP A 221 -8.99 0.47 20.89
N GLY A 222 -9.96 0.19 20.02
CA GLY A 222 -10.04 0.90 18.75
C GLY A 222 -10.30 2.38 18.89
N ALA A 223 -10.94 2.78 19.99
CA ALA A 223 -11.20 4.20 20.19
C ALA A 223 -9.90 4.98 20.39
N VAL A 224 -8.92 4.35 21.06
CA VAL A 224 -7.61 4.96 21.21
C VAL A 224 -6.90 5.05 19.87
N GLY A 225 -7.02 3.99 19.07
CA GLY A 225 -6.49 4.04 17.72
C GLY A 225 -7.06 5.21 16.93
N GLU A 226 -8.37 5.46 17.08
CA GLU A 226 -9.00 6.56 16.36
C GLU A 226 -8.50 7.92 16.84
N MET A 227 -8.25 8.05 18.14
CA MET A 227 -7.64 9.27 18.67
C MET A 227 -6.29 9.56 18.03
N ILE A 228 -5.47 8.52 17.85
CA ILE A 228 -4.15 8.71 17.25
C ILE A 228 -4.29 9.09 15.79
N VAL A 229 -5.19 8.42 15.07
CA VAL A 229 -5.38 8.67 13.64
C VAL A 229 -5.80 10.10 13.39
N THR A 230 -6.60 10.68 14.29
CA THR A 230 -7.09 12.04 14.13
C THR A 230 -6.27 13.06 14.91
N ALA A 231 -5.16 12.66 15.50
CA ALA A 231 -4.33 13.60 16.26
C ALA A 231 -3.47 14.43 15.31
N GLN A 232 -2.72 15.38 15.88
CA GLN A 232 -1.89 16.30 15.10
C GLN A 232 -0.56 15.65 14.72
N VAL A 233 -0.66 14.60 13.92
CA VAL A 233 0.49 13.85 13.44
C VAL A 233 0.62 14.11 11.94
N ASP A 234 1.82 13.87 11.43
CA ASP A 234 2.11 14.08 10.01
C ASP A 234 1.85 12.84 9.17
N LYS A 235 1.81 11.68 9.80
CA LYS A 235 1.67 10.43 9.05
C LYS A 235 0.86 9.46 9.90
N VAL A 236 -0.01 8.71 9.25
CA VAL A 236 -0.68 7.57 9.85
C VAL A 236 -0.24 6.31 9.11
N ALA A 237 0.22 5.31 9.85
CA ALA A 237 0.60 4.03 9.28
C ALA A 237 -0.18 2.96 10.04
N PHE A 238 -0.92 2.14 9.31
CA PHE A 238 -1.84 1.21 9.93
C PHE A 238 -1.73 -0.15 9.26
N THR A 239 -1.74 -1.19 10.07
CA THR A 239 -1.94 -2.56 9.60
C THR A 239 -3.14 -3.13 10.32
N GLY A 240 -4.09 -3.68 9.56
CA GLY A 240 -5.28 -4.25 10.14
C GLY A 240 -6.35 -4.50 9.08
N SER A 241 -7.60 -4.61 9.53
CA SER A 241 -8.68 -5.00 8.64
C SER A 241 -8.94 -3.94 7.57
N THR A 242 -9.45 -4.41 6.43
CA THR A 242 -9.80 -3.52 5.33
C THR A 242 -10.87 -2.51 5.75
N ALA A 243 -11.87 -2.97 6.51
CA ALA A 243 -12.95 -2.08 6.96
C ALA A 243 -12.42 -0.93 7.81
N VAL A 244 -11.48 -1.22 8.71
CA VAL A 244 -10.92 -0.15 9.53
C VAL A 244 -10.02 0.74 8.67
N GLY A 245 -9.35 0.18 7.68
CA GLY A 245 -8.55 0.99 6.77
C GLY A 245 -9.39 2.01 6.01
N ARG A 246 -10.59 1.59 5.58
CA ARG A 246 -11.49 2.53 4.91
C ARG A 246 -11.85 3.68 5.81
N ARG A 247 -12.20 3.38 7.06
CA ARG A 247 -12.56 4.42 8.01
C ARG A 247 -11.39 5.36 8.27
N ILE A 248 -10.17 4.81 8.33
CA ILE A 248 -8.99 5.65 8.54
C ILE A 248 -8.77 6.56 7.33
N ARG A 249 -8.95 6.03 6.12
CA ARG A 249 -8.87 6.90 4.94
C ARG A 249 -9.92 8.00 4.99
N GLU A 250 -11.12 7.68 5.45
CA GLU A 250 -12.15 8.71 5.53
C GLU A 250 -11.82 9.75 6.61
N ALA A 251 -11.33 9.30 7.76
CA ALA A 251 -11.08 10.21 8.87
C ALA A 251 -9.87 11.10 8.64
N THR A 252 -8.95 10.70 7.76
CA THR A 252 -7.78 11.50 7.45
C THR A 252 -7.96 12.31 6.18
N ALA A 253 -9.10 12.15 5.50
CA ALA A 253 -9.31 12.80 4.20
C ALA A 253 -9.20 14.31 4.35
N GLY A 254 -8.40 14.93 3.49
CA GLY A 254 -8.29 16.38 3.46
C GLY A 254 -7.36 16.99 4.49
N THR A 255 -6.69 16.19 5.30
CA THR A 255 -5.86 16.71 6.38
C THR A 255 -4.40 16.95 5.97
N GLY A 256 -4.01 16.51 4.78
CA GLY A 256 -2.61 16.55 4.39
C GLY A 256 -1.71 15.53 5.06
N LYS A 257 -2.26 14.63 5.86
CA LYS A 257 -1.45 13.57 6.45
C LYS A 257 -1.00 12.57 5.39
N ALA A 258 0.21 12.06 5.54
CA ALA A 258 0.61 10.90 4.76
C ALA A 258 -0.06 9.66 5.35
N LEU A 259 -0.36 8.69 4.50
CA LEU A 259 -1.13 7.52 4.92
C LEU A 259 -0.60 6.27 4.24
N SER A 260 -0.33 5.22 5.02
CA SER A 260 -0.06 3.91 4.46
C SER A 260 -0.94 2.88 5.15
N LEU A 261 -1.37 1.87 4.39
CA LEU A 261 -2.34 0.87 4.82
C LEU A 261 -1.91 -0.51 4.33
N GLU A 262 -1.66 -1.43 5.26
CA GLU A 262 -1.45 -2.85 4.96
C GLU A 262 -2.68 -3.59 5.48
N LEU A 263 -3.53 -4.07 4.57
CA LEU A 263 -4.87 -4.49 4.94
C LEU A 263 -5.01 -6.01 4.75
N GLY A 264 -6.24 -6.47 4.54
CA GLY A 264 -6.50 -7.90 4.39
C GLY A 264 -5.91 -8.51 3.12
N GLY A 265 -6.06 -9.82 3.01
CA GLY A 265 -5.72 -10.50 1.79
C GLY A 265 -4.82 -11.70 1.96
N LYS A 266 -5.31 -12.76 2.58
CA LYS A 266 -4.56 -14.00 2.67
C LYS A 266 -4.39 -14.58 1.28
N GLY A 267 -3.15 -14.91 0.92
CA GLY A 267 -2.80 -15.08 -0.47
C GLY A 267 -3.01 -16.46 -1.07
N PRO A 268 -3.10 -16.47 -2.39
CA PRO A 268 -3.23 -17.72 -3.13
C PRO A 268 -1.90 -18.46 -3.20
N TYR A 269 -2.00 -19.76 -3.32
CA TYR A 269 -0.86 -20.65 -3.25
C TYR A 269 -1.04 -21.61 -4.41
N VAL A 270 -0.26 -21.40 -5.48
CA VAL A 270 -0.50 -22.03 -6.78
C VAL A 270 0.46 -23.20 -6.94
N VAL A 271 -0.09 -24.41 -7.05
CA VAL A 271 0.73 -25.62 -7.18
C VAL A 271 0.50 -26.21 -8.55
N CYS A 272 1.50 -26.10 -9.41
CA CYS A 272 1.44 -26.63 -10.77
C CYS A 272 1.73 -28.13 -10.79
N ASP A 273 1.35 -28.76 -11.91
CA ASP A 273 1.50 -30.19 -12.07
C ASP A 273 2.94 -30.65 -11.86
N ASP A 274 3.92 -29.80 -12.21
CA ASP A 274 5.33 -30.15 -12.09
C ASP A 274 5.99 -29.54 -10.86
N ALA A 275 5.20 -29.17 -9.86
CA ALA A 275 5.78 -28.70 -8.60
C ALA A 275 6.52 -29.84 -7.90
N ASP A 276 7.49 -29.45 -7.07
CA ASP A 276 8.02 -30.32 -6.04
C ASP A 276 6.93 -30.55 -4.99
N ILE A 277 6.17 -31.65 -5.15
CA ILE A 277 4.96 -31.87 -4.37
C ILE A 277 5.27 -31.87 -2.87
N ASP A 278 6.23 -32.69 -2.44
CA ASP A 278 6.48 -32.81 -1.00
C ASP A 278 6.93 -31.50 -0.40
N SER A 279 7.75 -30.72 -1.11
CA SER A 279 8.14 -29.41 -0.61
C SER A 279 6.95 -28.46 -0.58
N ALA A 280 6.10 -28.49 -1.61
CA ALA A 280 4.94 -27.61 -1.62
C ALA A 280 4.01 -27.93 -0.45
N VAL A 281 3.81 -29.23 -0.18
CA VAL A 281 2.98 -29.66 0.94
C VAL A 281 3.58 -29.17 2.26
N GLU A 282 4.88 -29.38 2.43
CA GLU A 282 5.52 -28.99 3.69
C GLU A 282 5.48 -27.49 3.90
N GLY A 283 5.65 -26.71 2.82
CA GLY A 283 5.55 -25.27 2.96
C GLY A 283 4.16 -24.81 3.35
N LEU A 284 3.14 -25.55 2.92
CA LEU A 284 1.77 -25.16 3.26
C LEU A 284 1.44 -25.50 4.70
N VAL A 285 1.79 -26.72 5.15
CA VAL A 285 1.50 -27.07 6.54
C VAL A 285 2.30 -26.18 7.50
N ASP A 286 3.54 -25.84 7.14
CA ASP A 286 4.34 -24.98 8.01
C ASP A 286 3.84 -23.54 8.04
N ALA A 287 2.88 -23.20 7.19
CA ALA A 287 2.31 -21.86 7.13
C ALA A 287 0.92 -21.76 7.76
N ILE A 288 0.30 -22.89 8.10
CA ILE A 288 -1.07 -22.89 8.61
C ILE A 288 -1.19 -22.03 9.87
N TRP A 289 -0.25 -22.15 10.81
CA TRP A 289 -0.35 -21.33 12.01
C TRP A 289 -0.04 -19.87 11.71
N PHE A 290 0.95 -19.63 10.83
CA PHE A 290 1.41 -18.29 10.51
C PHE A 290 0.31 -17.44 9.90
N ASN A 291 -0.50 -18.04 9.02
CA ASN A 291 -1.43 -17.31 8.14
C ASN A 291 -2.70 -16.90 8.90
N GLN A 292 -2.51 -16.02 9.87
CA GLN A 292 -3.62 -15.50 10.66
C GLN A 292 -3.54 -13.98 10.79
N GLY A 293 -4.71 -13.34 10.91
CA GLY A 293 -4.80 -11.90 10.99
C GLY A 293 -4.43 -11.27 9.66
N GLN A 294 -4.20 -9.96 9.70
CA GLN A 294 -3.82 -9.25 8.48
C GLN A 294 -2.30 -9.22 8.43
N VAL A 295 -1.73 -10.12 7.64
CA VAL A 295 -0.29 -10.18 7.44
C VAL A 295 -0.05 -10.59 6.00
N CYS A 296 1.08 -10.16 5.46
CA CYS A 296 1.51 -10.60 4.13
CA CYS A 296 1.51 -10.59 4.15
C CYS A 296 1.82 -12.09 4.16
N CYS A 297 0.96 -12.89 3.54
CA CYS A 297 1.18 -14.33 3.64
C CYS A 297 0.50 -15.03 2.47
N ALA A 298 0.81 -16.31 2.30
CA ALA A 298 0.14 -17.08 1.25
C ALA A 298 0.06 -18.52 1.70
N GLY A 299 -1.01 -19.18 1.29
CA GLY A 299 -1.27 -20.55 1.68
C GLY A 299 -2.73 -20.77 1.99
N SER A 300 -3.45 -19.72 2.37
CA SER A 300 -4.82 -19.88 2.86
C SER A 300 -5.78 -20.24 1.72
N ARG A 301 -5.48 -19.79 0.51
CA ARG A 301 -6.28 -20.10 -0.69
C ARG A 301 -5.40 -20.98 -1.57
N LEU A 302 -5.67 -22.28 -1.54
CA LEU A 302 -4.89 -23.26 -2.26
C LEU A 302 -5.48 -23.52 -3.65
N LEU A 303 -4.64 -23.38 -4.69
CA LEU A 303 -5.02 -23.63 -6.07
C LEU A 303 -4.10 -24.72 -6.62
N VAL A 304 -4.65 -25.91 -6.87
CA VAL A 304 -3.83 -27.05 -7.26
C VAL A 304 -4.25 -27.53 -8.65
N GLN A 305 -3.28 -27.74 -9.52
CA GLN A 305 -3.62 -28.21 -10.86
C GLN A 305 -4.24 -29.59 -10.79
N GLU A 306 -5.21 -29.83 -11.67
CA GLU A 306 -6.13 -30.94 -11.47
C GLU A 306 -5.45 -32.30 -11.63
N GLY A 307 -4.35 -32.38 -12.38
CA GLY A 307 -3.65 -33.64 -12.54
C GLY A 307 -3.04 -34.19 -11.26
N ILE A 308 -2.70 -33.31 -10.31
CA ILE A 308 -2.07 -33.71 -9.07
C ILE A 308 -2.91 -33.42 -7.84
N ALA A 309 -4.11 -32.85 -8.02
CA ALA A 309 -4.89 -32.34 -6.89
C ALA A 309 -5.22 -33.43 -5.88
N ASP A 310 -5.60 -34.63 -6.34
CA ASP A 310 -5.95 -35.68 -5.40
C ASP A 310 -4.73 -36.13 -4.59
N VAL A 311 -3.61 -36.38 -5.26
CA VAL A 311 -2.41 -36.79 -4.53
C VAL A 311 -1.95 -35.68 -3.60
N PHE A 312 -2.01 -34.42 -4.06
CA PHE A 312 -1.61 -33.32 -3.20
C PHE A 312 -2.49 -33.24 -1.96
N HIS A 313 -3.83 -33.30 -2.14
CA HIS A 313 -4.69 -33.20 -0.97
C HIS A 313 -4.46 -34.36 0.00
N ALA A 314 -4.25 -35.56 -0.53
CA ALA A 314 -4.05 -36.71 0.35
C ALA A 314 -2.78 -36.56 1.16
N LYS A 315 -1.70 -36.10 0.53
CA LYS A 315 -0.47 -35.83 1.28
C LYS A 315 -0.66 -34.70 2.28
N LEU A 316 -1.40 -33.66 1.88
CA LEU A 316 -1.61 -32.51 2.75
C LEU A 316 -2.34 -32.90 4.04
N ARG A 317 -3.42 -33.66 3.92
CA ARG A 317 -4.20 -34.05 5.11
C ARG A 317 -3.35 -34.84 6.10
N ALA A 318 -2.51 -35.74 5.60
CA ALA A 318 -1.67 -36.52 6.50
C ALA A 318 -0.59 -35.65 7.13
N ARG A 319 0.01 -34.73 6.37
CA ARG A 319 0.98 -33.82 6.96
C ARG A 319 0.32 -32.91 7.99
N MET A 320 -0.92 -32.48 7.73
CA MET A 320 -1.65 -31.71 8.73
C MET A 320 -1.83 -32.51 10.02
N ASP A 321 -2.02 -33.82 9.90
CA ASP A 321 -2.17 -34.67 11.09
C ASP A 321 -0.92 -34.69 11.95
N SER A 322 0.25 -34.40 11.39
CA SER A 322 1.46 -34.42 12.19
C SER A 322 1.68 -33.13 12.97
N LEU A 323 0.86 -32.10 12.74
CA LEU A 323 1.01 -30.87 13.49
C LEU A 323 0.58 -31.08 14.94
N ARG A 324 1.42 -30.66 15.88
CA ARG A 324 1.16 -30.86 17.31
C ARG A 324 0.46 -29.63 17.89
N ILE A 325 -0.70 -29.84 18.52
CA ILE A 325 -1.52 -28.78 19.10
C ILE A 325 -1.37 -28.83 20.61
N GLY A 326 -1.12 -27.70 21.24
CA GLY A 326 -1.08 -27.75 22.70
C GLY A 326 -0.37 -26.53 23.29
N ASP A 327 0.18 -26.74 24.49
CA ASP A 327 0.86 -25.74 25.31
C ASP A 327 1.85 -24.95 24.46
N PRO A 328 1.58 -23.66 24.21
CA PRO A 328 2.46 -22.87 23.34
C PRO A 328 3.85 -22.67 23.93
N LEU A 329 4.03 -22.84 25.23
CA LEU A 329 5.36 -22.78 25.83
C LEU A 329 6.19 -24.04 25.56
N ASP A 330 5.61 -25.06 24.95
CA ASP A 330 6.33 -26.29 24.63
C ASP A 330 6.97 -26.13 23.26
N LYS A 331 8.31 -26.18 23.20
CA LYS A 331 9.00 -25.92 21.93
C LYS A 331 8.70 -26.94 20.85
N CYS A 332 8.06 -28.06 21.16
CA CYS A 332 7.66 -29.01 20.14
C CYS A 332 6.25 -28.76 19.60
N ILE A 333 5.60 -27.72 20.03
CA ILE A 333 4.22 -27.48 19.62
C ILE A 333 4.21 -26.65 18.33
N ASP A 334 3.30 -26.98 17.41
CA ASP A 334 3.16 -26.29 16.14
C ASP A 334 1.94 -25.39 16.06
N ILE A 335 0.87 -25.75 16.78
CA ILE A 335 -0.41 -25.04 16.75
C ILE A 335 -0.69 -24.59 18.18
N GLY A 336 -0.66 -23.29 18.42
CA GLY A 336 -0.85 -22.76 19.75
C GLY A 336 -2.29 -22.46 20.05
N ALA A 337 -2.49 -21.53 20.98
CA ALA A 337 -3.83 -21.13 21.39
C ALA A 337 -4.35 -20.03 20.48
N MET A 338 -5.65 -20.05 20.21
CA MET A 338 -6.26 -18.91 19.52
C MET A 338 -6.12 -17.66 20.39
N VAL A 339 -5.95 -16.50 19.74
CA VAL A 339 -5.47 -15.31 20.43
C VAL A 339 -6.47 -14.84 21.48
N HIS A 340 -7.76 -15.08 21.25
CA HIS A 340 -8.81 -14.51 22.08
C HIS A 340 -10.10 -15.28 21.81
N PRO A 341 -10.98 -15.42 22.81
CA PRO A 341 -12.26 -16.10 22.56
C PRO A 341 -13.06 -15.49 21.43
N ASP A 342 -12.97 -14.16 21.22
CA ASP A 342 -13.63 -13.54 20.07
C ASP A 342 -13.12 -14.13 18.76
N GLN A 343 -11.81 -14.43 18.69
CA GLN A 343 -11.27 -14.97 17.45
C GLN A 343 -11.68 -16.43 17.26
N LEU A 344 -11.70 -17.20 18.34
CA LEU A 344 -12.21 -18.56 18.27
C LEU A 344 -13.65 -18.58 17.77
N ALA A 345 -14.49 -17.66 18.28
CA ALA A 345 -15.88 -17.62 17.82
C ALA A 345 -15.96 -17.28 16.35
N ARG A 346 -15.11 -16.35 15.88
CA ARG A 346 -15.08 -15.98 14.47
C ARG A 346 -14.86 -17.19 13.59
N VAL A 347 -13.83 -17.99 13.90
CA VAL A 347 -13.51 -19.18 13.12
C VAL A 347 -14.64 -20.19 13.19
N ARG A 348 -15.12 -20.44 14.40
CA ARG A 348 -16.24 -21.36 14.56
C ARG A 348 -17.43 -20.94 13.71
N ASP A 349 -17.76 -19.64 13.74
CA ASP A 349 -18.93 -19.17 13.01
C ASP A 349 -18.69 -19.24 11.50
N MET A 350 -17.46 -18.96 11.07
CA MET A 350 -17.15 -19.06 9.65
C MET A 350 -17.39 -20.47 9.14
N VAL A 351 -16.89 -21.47 9.87
CA VAL A 351 -17.09 -22.86 9.50
C VAL A 351 -18.57 -23.25 9.57
N ALA A 352 -19.31 -22.72 10.56
CA ALA A 352 -20.71 -23.09 10.66
C ALA A 352 -21.52 -22.51 9.50
N ALA A 353 -21.10 -21.37 8.96
CA ALA A 353 -21.82 -20.72 7.89
C ALA A 353 -21.52 -21.32 6.52
N ASN A 354 -20.46 -22.10 6.40
CA ASN A 354 -20.09 -22.70 5.12
C ASN A 354 -20.85 -23.99 4.89
N THR A 355 -21.43 -24.14 3.69
CA THR A 355 -22.04 -25.41 3.29
C THR A 355 -21.32 -26.06 2.11
N ASP A 356 -20.29 -25.42 1.56
CA ASP A 356 -19.61 -25.92 0.38
C ASP A 356 -18.41 -26.81 0.73
N GLY A 357 -18.08 -27.70 -0.19
CA GLY A 357 -16.86 -28.49 -0.08
C GLY A 357 -16.90 -29.58 0.97
N GLU A 358 -15.70 -30.09 1.26
CA GLU A 358 -15.50 -31.17 2.22
C GLU A 358 -14.53 -30.68 3.30
N VAL A 359 -14.98 -30.73 4.56
CA VAL A 359 -14.22 -30.17 5.67
C VAL A 359 -13.46 -31.30 6.34
N TYR A 360 -12.16 -31.13 6.50
CA TYR A 360 -11.34 -32.06 7.27
C TYR A 360 -10.66 -31.29 8.38
N GLN A 361 -10.72 -31.81 9.60
CA GLN A 361 -10.02 -31.24 10.76
C GLN A 361 -9.21 -32.34 11.44
N THR A 362 -8.05 -31.97 11.98
CA THR A 362 -7.12 -32.97 12.52
C THR A 362 -7.44 -33.38 13.94
N ALA A 363 -8.22 -32.58 14.66
CA ALA A 363 -8.61 -32.92 16.01
C ALA A 363 -9.95 -32.25 16.27
N VAL A 364 -10.57 -32.62 17.37
CA VAL A 364 -11.80 -31.96 17.78
C VAL A 364 -11.44 -30.63 18.46
N PRO A 365 -12.07 -29.52 18.07
CA PRO A 365 -11.80 -28.24 18.76
C PRO A 365 -12.04 -28.38 20.25
N ALA A 366 -11.15 -27.79 21.05
CA ALA A 366 -11.23 -27.92 22.50
C ALA A 366 -10.60 -26.71 23.17
N GLY A 367 -11.33 -26.11 24.11
CA GLY A 367 -10.80 -24.95 24.81
C GLY A 367 -10.38 -23.88 23.84
N CYS A 368 -9.23 -23.28 24.11
CA CYS A 368 -8.67 -22.24 23.26
C CYS A 368 -7.98 -22.79 22.00
N TYR A 369 -8.11 -24.08 21.70
CA TYR A 369 -7.35 -24.70 20.62
C TYR A 369 -8.28 -25.05 19.47
N TYR A 370 -8.04 -24.43 18.31
CA TYR A 370 -8.77 -24.78 17.10
C TYR A 370 -7.85 -25.54 16.15
N PRO A 371 -8.28 -26.66 15.58
CA PRO A 371 -7.35 -27.53 14.82
C PRO A 371 -7.14 -27.05 13.39
N PRO A 372 -6.00 -27.36 12.79
CA PRO A 372 -5.82 -27.16 11.35
C PRO A 372 -7.00 -27.72 10.57
N THR A 373 -7.50 -26.94 9.63
CA THR A 373 -8.73 -27.24 8.93
C THR A 373 -8.55 -27.01 7.44
N LEU A 374 -8.94 -28.01 6.64
CA LEU A 374 -8.88 -27.93 5.18
C LEU A 374 -10.29 -28.12 4.64
N ILE A 375 -10.75 -27.14 3.87
CA ILE A 375 -12.01 -27.21 3.16
C ILE A 375 -11.68 -27.29 1.68
N SER A 376 -11.85 -28.48 1.09
CA SER A 376 -11.46 -28.76 -0.27
C SER A 376 -12.68 -28.99 -1.15
N GLY A 377 -12.43 -29.12 -2.45
CA GLY A 377 -13.49 -29.38 -3.39
C GLY A 377 -14.36 -28.19 -3.68
N LEU A 378 -13.86 -26.99 -3.43
CA LEU A 378 -14.61 -25.78 -3.71
C LEU A 378 -14.56 -25.46 -5.20
N ALA A 379 -15.56 -24.68 -5.65
CA ALA A 379 -15.49 -24.27 -7.04
C ALA A 379 -14.72 -22.96 -7.16
N PRO A 380 -14.09 -22.70 -8.32
CA PRO A 380 -13.38 -21.42 -8.48
C PRO A 380 -14.23 -20.20 -8.16
N ALA A 381 -15.50 -20.23 -8.55
CA ALA A 381 -16.43 -19.14 -8.27
C ALA A 381 -17.13 -19.29 -6.93
N SER A 382 -16.72 -20.25 -6.10
CA SER A 382 -17.31 -20.39 -4.78
C SER A 382 -17.04 -19.13 -3.95
N PRO A 383 -17.95 -18.78 -3.04
CA PRO A 383 -17.73 -17.56 -2.24
C PRO A 383 -16.60 -17.69 -1.24
N LEU A 384 -16.48 -18.86 -0.59
CA LEU A 384 -15.48 -19.00 0.46
C LEU A 384 -14.07 -18.85 -0.07
N MET A 385 -13.85 -19.10 -1.37
CA MET A 385 -12.56 -18.80 -1.98
C MET A 385 -12.24 -17.31 -1.93
N GLN A 386 -13.26 -16.44 -1.81
CA GLN A 386 -13.08 -15.00 -1.89
C GLN A 386 -13.39 -14.26 -0.60
N GLN A 387 -14.04 -14.91 0.36
CA GLN A 387 -14.37 -14.24 1.61
C GLN A 387 -13.19 -14.26 2.57
N GLU A 388 -13.25 -13.39 3.56
CA GLU A 388 -12.22 -13.36 4.60
C GLU A 388 -12.13 -14.71 5.29
N ILE A 389 -10.92 -15.12 5.63
CA ILE A 389 -10.68 -16.42 6.25
C ILE A 389 -10.10 -16.21 7.63
N PHE A 390 -10.67 -16.87 8.63
CA PHE A 390 -10.21 -16.79 10.01
C PHE A 390 -9.67 -18.13 10.47
N GLY A 391 -8.73 -18.08 11.42
CA GLY A 391 -8.21 -19.27 12.06
C GLY A 391 -7.23 -20.04 11.20
N PRO A 392 -6.80 -21.21 11.69
CA PRO A 392 -5.84 -22.06 10.96
C PRO A 392 -6.56 -22.90 9.92
N VAL A 393 -7.13 -22.22 8.93
CA VAL A 393 -8.06 -22.80 7.97
C VAL A 393 -7.53 -22.55 6.55
N LEU A 394 -7.48 -23.62 5.74
CA LEU A 394 -7.16 -23.55 4.32
C LEU A 394 -8.39 -23.90 3.49
N VAL A 395 -8.55 -23.23 2.34
CA VAL A 395 -9.60 -23.55 1.38
C VAL A 395 -8.92 -23.83 0.03
N SER A 396 -9.43 -24.81 -0.72
CA SER A 396 -8.77 -25.19 -1.96
C SER A 396 -9.75 -25.36 -3.11
N THR A 397 -9.24 -25.11 -4.31
CA THR A 397 -9.94 -25.36 -5.56
C THR A 397 -8.90 -25.90 -6.55
N THR A 398 -9.35 -26.35 -7.71
CA THR A 398 -8.44 -26.86 -8.71
C THR A 398 -8.44 -25.96 -9.94
N PHE A 399 -7.40 -26.13 -10.77
CA PHE A 399 -7.37 -25.46 -12.07
C PHE A 399 -6.83 -26.41 -13.12
N ARG A 400 -7.13 -26.11 -14.38
CA ARG A 400 -6.68 -26.95 -15.48
C ARG A 400 -5.43 -26.41 -16.16
N THR A 401 -5.42 -25.14 -16.52
CA THR A 401 -4.30 -24.51 -17.21
C THR A 401 -3.70 -23.42 -16.34
N PRO A 402 -2.43 -23.06 -16.57
CA PRO A 402 -1.86 -21.92 -15.83
C PRO A 402 -2.65 -20.63 -16.00
N ALA A 403 -3.27 -20.42 -17.16
CA ALA A 403 -4.07 -19.22 -17.36
C ALA A 403 -5.29 -19.21 -16.45
N GLU A 404 -5.93 -20.37 -16.27
CA GLU A 404 -7.04 -20.44 -15.32
C GLU A 404 -6.57 -20.19 -13.89
N ALA A 405 -5.36 -20.64 -13.54
CA ALA A 405 -4.83 -20.40 -12.21
C ALA A 405 -4.70 -18.90 -11.94
N VAL A 406 -4.10 -18.17 -12.90
CA VAL A 406 -4.00 -16.71 -12.81
C VAL A 406 -5.38 -16.10 -12.61
N GLU A 407 -6.34 -16.55 -13.41
CA GLU A 407 -7.68 -15.99 -13.38
C GLU A 407 -8.33 -16.19 -12.01
N ILE A 408 -8.21 -17.41 -11.46
CA ILE A 408 -8.74 -17.68 -10.14
C ILE A 408 -8.00 -16.87 -9.09
N ALA A 409 -6.66 -16.88 -9.16
CA ALA A 409 -5.86 -16.17 -8.16
C ALA A 409 -6.22 -14.70 -8.09
N ASN A 410 -6.47 -14.07 -9.24
CA ASN A 410 -6.75 -12.65 -9.32
C ASN A 410 -8.24 -12.32 -9.14
N ASN A 411 -9.08 -13.31 -8.87
CA ASN A 411 -10.52 -13.07 -8.81
C ASN A 411 -11.00 -12.68 -7.40
N THR A 412 -10.34 -11.71 -6.77
CA THR A 412 -10.78 -11.18 -5.49
C THR A 412 -10.56 -9.67 -5.47
N ALA A 413 -11.08 -9.02 -4.43
CA ALA A 413 -10.84 -7.60 -4.23
C ALA A 413 -9.46 -7.29 -3.66
N TYR A 414 -8.66 -8.32 -3.38
CA TYR A 414 -7.40 -8.17 -2.68
C TYR A 414 -6.21 -8.30 -3.64
N GLY A 415 -5.02 -8.09 -3.09
CA GLY A 415 -3.78 -8.26 -3.83
C GLY A 415 -2.62 -7.98 -2.91
N LEU A 416 -2.19 -8.98 -2.15
CA LEU A 416 -1.11 -8.75 -1.20
C LEU A 416 0.06 -9.66 -1.56
N ALA A 417 0.04 -10.90 -1.07
CA ALA A 417 1.12 -11.85 -1.35
C ALA A 417 0.55 -13.07 -2.07
N ALA A 418 1.43 -13.77 -2.80
CA ALA A 418 1.04 -14.99 -3.50
C ALA A 418 2.25 -15.90 -3.62
N SER A 419 2.00 -17.20 -3.74
CA SER A 419 3.07 -18.18 -3.86
C SER A 419 2.80 -19.07 -5.09
N VAL A 420 3.86 -19.41 -5.82
CA VAL A 420 3.78 -20.22 -7.05
C VAL A 420 4.81 -21.32 -6.97
N TRP A 421 4.39 -22.55 -7.22
CA TRP A 421 5.24 -23.73 -7.13
C TRP A 421 5.32 -24.39 -8.49
N SER A 422 6.52 -24.49 -9.03
CA SER A 422 6.78 -25.23 -10.26
C SER A 422 8.28 -25.44 -10.34
N GLU A 423 8.68 -26.63 -10.78
CA GLU A 423 10.09 -26.89 -11.01
C GLU A 423 10.59 -26.35 -12.34
N ASN A 424 9.70 -25.89 -13.22
CA ASN A 424 10.11 -25.42 -14.54
C ASN A 424 10.54 -23.96 -14.47
N VAL A 425 11.71 -23.64 -15.04
CA VAL A 425 12.22 -22.28 -14.93
C VAL A 425 11.33 -21.28 -15.67
N ASN A 426 10.70 -21.70 -16.78
CA ASN A 426 9.82 -20.79 -17.52
C ASN A 426 8.52 -20.55 -16.78
N LEU A 427 7.86 -21.63 -16.35
CA LEU A 427 6.49 -21.53 -15.87
C LEU A 427 6.40 -20.61 -14.67
N ALA A 428 7.27 -20.80 -13.68
CA ALA A 428 7.21 -20.02 -12.45
C ALA A 428 7.45 -18.54 -12.72
N LEU A 429 8.47 -18.23 -13.52
CA LEU A 429 8.76 -16.84 -13.86
C LEU A 429 7.78 -16.24 -14.88
N ASP A 430 7.01 -17.08 -15.59
N ASP A 430 7.00 -17.07 -15.57
CA ASP A 430 5.95 -16.54 -16.43
CA ASP A 430 5.95 -16.54 -16.44
C ASP A 430 4.72 -16.19 -15.61
C ASP A 430 4.64 -16.30 -15.71
N LEU A 431 4.37 -17.01 -14.63
CA LEU A 431 3.13 -16.79 -13.88
C LEU A 431 3.26 -15.62 -12.90
N ALA A 432 4.41 -15.49 -12.26
CA ALA A 432 4.58 -14.50 -11.19
C ALA A 432 4.18 -13.08 -11.59
N PRO A 433 4.63 -12.52 -12.72
CA PRO A 433 4.22 -11.13 -13.03
C PRO A 433 2.76 -10.98 -13.39
N LYS A 434 2.04 -12.06 -13.67
CA LYS A 434 0.63 -11.99 -14.02
C LYS A 434 -0.26 -11.97 -12.80
N LEU A 435 0.24 -12.39 -11.65
CA LEU A 435 -0.53 -12.37 -10.42
C LEU A 435 -0.62 -10.94 -9.91
N VAL A 436 -1.83 -10.52 -9.54
CA VAL A 436 -2.06 -9.20 -8.96
C VAL A 436 -1.64 -9.28 -7.49
N ALA A 437 -0.50 -8.67 -7.17
CA ALA A 437 0.07 -8.84 -5.83
C ALA A 437 1.21 -7.86 -5.66
N GLY A 438 1.53 -7.57 -4.40
CA GLY A 438 2.74 -6.83 -4.09
C GLY A 438 3.94 -7.74 -3.87
N ILE A 439 3.71 -9.03 -3.61
CA ILE A 439 4.77 -9.99 -3.31
C ILE A 439 4.43 -11.32 -3.97
N VAL A 440 5.37 -11.91 -4.69
CA VAL A 440 5.20 -13.27 -5.22
C VAL A 440 6.43 -14.09 -4.84
N TRP A 441 6.20 -15.20 -4.13
CA TRP A 441 7.25 -16.13 -3.74
C TRP A 441 7.24 -17.32 -4.70
N ILE A 442 8.37 -17.61 -5.34
CA ILE A 442 8.50 -18.78 -6.19
C ILE A 442 9.07 -19.91 -5.35
N ASN A 443 8.37 -21.03 -5.29
CA ASN A 443 8.81 -22.23 -4.58
C ASN A 443 9.13 -21.92 -3.12
N GLY A 444 8.28 -21.10 -2.51
CA GLY A 444 8.36 -20.84 -1.08
C GLY A 444 7.12 -20.05 -0.70
N THR A 445 7.02 -19.74 0.59
CA THR A 445 5.97 -18.82 1.03
C THR A 445 6.39 -18.12 2.32
N ASN A 446 5.79 -16.95 2.57
CA ASN A 446 6.01 -16.19 3.81
C ASN A 446 7.49 -15.87 4.04
N MET A 447 8.23 -15.63 2.97
CA MET A 447 9.63 -15.24 3.07
C MET A 447 9.71 -13.74 3.33
N MET A 448 10.45 -13.34 4.36
CA MET A 448 10.49 -11.95 4.81
C MET A 448 11.92 -11.51 5.05
N ASP A 449 12.22 -10.28 4.66
CA ASP A 449 13.52 -9.70 4.99
C ASP A 449 13.40 -8.18 5.01
N ALA A 450 14.18 -7.57 5.92
CA ALA A 450 14.11 -6.14 6.14
C ALA A 450 14.43 -5.34 4.88
N ALA A 451 15.18 -5.93 3.94
CA ALA A 451 15.53 -5.25 2.69
C ALA A 451 14.49 -5.43 1.60
N ALA A 452 13.54 -6.34 1.76
CA ALA A 452 12.61 -6.66 0.68
C ALA A 452 11.25 -6.03 0.97
N PRO A 453 10.77 -5.10 0.13
CA PRO A 453 9.51 -4.41 0.45
C PRO A 453 8.29 -5.31 0.31
N PHE A 454 7.26 -5.00 1.09
CA PHE A 454 6.00 -5.72 1.08
C PHE A 454 4.86 -4.75 1.33
N GLY A 455 3.73 -5.07 0.71
CA GLY A 455 2.55 -4.20 0.79
C GLY A 455 1.58 -4.58 -0.30
N GLY A 456 0.44 -3.90 -0.29
CA GLY A 456 -0.72 -4.32 -1.05
C GLY A 456 -0.99 -3.47 -2.28
N VAL A 457 -1.89 -4.01 -3.12
CA VAL A 457 -2.58 -3.28 -4.19
C VAL A 457 -4.07 -3.54 -4.00
N ARG A 458 -4.90 -2.88 -4.81
CA ARG A 458 -6.36 -3.01 -4.66
C ARG A 458 -6.79 -2.77 -3.21
N GLU A 459 -7.71 -3.60 -2.69
CA GLU A 459 -8.19 -3.42 -1.33
C GLU A 459 -7.26 -3.98 -0.26
N SER A 460 -6.07 -4.45 -0.63
CA SER A 460 -5.07 -4.78 0.38
C SER A 460 -4.30 -3.55 0.83
N GLY A 461 -4.58 -2.38 0.25
CA GLY A 461 -4.01 -1.14 0.77
C GLY A 461 -3.00 -0.50 -0.15
N PHE A 462 -2.06 0.25 0.42
CA PHE A 462 -1.04 0.91 -0.39
C PHE A 462 0.10 1.31 0.53
N GLY A 463 1.23 1.66 -0.09
CA GLY A 463 2.49 1.85 0.59
C GLY A 463 3.26 0.54 0.69
N ARG A 464 4.56 0.66 0.94
CA ARG A 464 5.42 -0.50 1.11
C ARG A 464 6.22 -0.32 2.39
N GLU A 465 6.45 -1.44 3.07
CA GLU A 465 7.29 -1.51 4.25
C GLU A 465 8.51 -2.37 3.96
N GLY A 466 9.68 -1.88 4.37
CA GLY A 466 10.94 -2.57 4.08
C GLY A 466 11.69 -1.97 2.91
N GLY A 467 13.02 -2.10 2.96
CA GLY A 467 13.89 -1.69 1.87
C GLY A 467 13.98 -0.18 1.69
N TRP A 468 14.84 0.21 0.73
CA TRP A 468 14.86 1.61 0.30
C TRP A 468 13.46 2.08 -0.09
N GLU A 469 12.70 1.19 -0.73
CA GLU A 469 11.35 1.51 -1.18
C GLU A 469 10.44 1.93 -0.04
N GLY A 470 10.61 1.35 1.15
CA GLY A 470 9.77 1.71 2.29
C GLY A 470 10.07 3.09 2.89
N LEU A 471 11.19 3.71 2.53
CA LEU A 471 11.59 4.96 3.17
C LEU A 471 10.85 6.17 2.64
N ALA A 472 10.45 6.16 1.36
CA ALA A 472 9.81 7.34 0.77
C ALA A 472 8.57 7.75 1.54
N GLY A 473 7.78 6.77 1.99
CA GLY A 473 6.59 7.03 2.76
C GLY A 473 6.83 7.56 4.17
N TYR A 474 8.07 7.62 4.63
CA TYR A 474 8.36 8.26 5.91
C TYR A 474 9.14 9.56 5.71
N THR A 475 9.08 10.13 4.50
CA THR A 475 9.77 11.36 4.18
C THR A 475 8.88 12.21 3.30
N ARG A 476 9.29 13.46 3.15
CA ARG A 476 8.73 14.43 2.21
C ARG A 476 9.88 15.17 1.53
N PRO A 477 9.59 15.91 0.45
CA PRO A 477 10.64 16.71 -0.19
C PRO A 477 11.30 17.70 0.76
N ALA A 478 12.63 17.80 0.67
CA ALA A 478 13.37 18.74 1.50
C ALA A 478 12.92 20.17 1.25
N ILE A 479 12.63 20.49 0.00
CA ILE A 479 12.13 21.80 -0.41
C ILE A 479 10.66 21.64 -0.75
N ALA A 480 9.79 22.34 -0.03
CA ALA A 480 8.37 22.20 -0.26
C ALA A 480 7.96 22.97 -1.51
N THR A 481 7.01 22.42 -2.25
CA THR A 481 6.35 23.16 -3.32
C THR A 481 4.93 23.46 -2.91
N LYS A 482 4.29 24.36 -3.65
CA LYS A 482 2.94 24.81 -3.34
C LYS A 482 2.14 24.84 -4.63
N SER A 483 0.94 24.24 -4.61
CA SER A 483 0.08 24.26 -5.78
C SER A 483 -0.37 25.69 -6.08
N PRO A 484 -0.47 26.06 -7.36
CA PRO A 484 -0.98 27.40 -7.70
C PRO A 484 -2.42 27.57 -7.24
N ALA A 485 -2.77 28.82 -6.94
CA ALA A 485 -4.15 29.15 -6.59
C ALA A 485 -5.06 28.92 -7.80
N ALA A 486 -6.33 28.62 -7.51
CA ALA A 486 -7.31 28.47 -8.58
C ALA A 486 -7.47 29.78 -9.34
N VAL A 487 -7.88 29.67 -10.60
CA VAL A 487 -8.09 30.82 -11.47
C VAL A 487 -9.52 30.76 -12.01
N ALA A 488 -10.27 31.82 -11.76
CA ALA A 488 -11.63 31.90 -12.28
C ALA A 488 -11.60 32.07 -13.80
N ALA A 489 -12.52 31.38 -14.47
CA ALA A 489 -12.68 31.59 -15.91
C ALA A 489 -13.05 33.04 -16.21
N TYR A 490 -12.51 33.57 -17.31
CA TYR A 490 -12.92 34.89 -17.73
C TYR A 490 -14.34 34.87 -18.26
N THR A 491 -15.00 36.02 -18.14
CA THR A 491 -16.37 36.20 -18.60
C THR A 491 -16.39 37.08 -19.84
N GLY A 492 -17.57 37.15 -20.47
CA GLY A 492 -17.71 37.85 -21.74
C GLY A 492 -19.18 38.09 -22.04
N ASP A 493 -19.42 38.84 -23.12
CA ASP A 493 -20.74 39.43 -23.35
C ASP A 493 -21.80 38.38 -23.63
N GLY A 494 -21.47 37.35 -24.41
CA GLY A 494 -22.43 36.30 -24.69
C GLY A 494 -22.98 36.28 -26.09
N ALA A 495 -22.20 36.78 -27.06
CA ALA A 495 -22.65 36.83 -28.45
C ALA A 495 -22.40 35.48 -29.12
N ALA A 496 -23.25 35.17 -30.10
CA ALA A 496 -23.17 33.88 -30.77
C ALA A 496 -21.92 33.78 -31.63
N ASP A 497 -21.48 32.54 -31.87
CA ASP A 497 -20.27 32.25 -32.64
C ASP A 497 -20.69 31.75 -34.02
N GLY A 498 -20.40 32.56 -35.05
CA GLY A 498 -20.73 32.22 -36.42
C GLY A 498 -19.79 31.22 -37.09
N LEU A 499 -18.66 30.92 -36.45
CA LEU A 499 -17.72 29.91 -36.89
C LEU A 499 -17.84 28.66 -36.01
N ASP A 500 -17.30 27.55 -36.52
CA ASP A 500 -17.36 26.27 -35.80
C ASP A 500 -16.15 26.18 -34.90
N ARG A 501 -16.31 26.61 -33.64
CA ARG A 501 -15.19 26.63 -32.70
C ARG A 501 -15.57 25.96 -31.39
N THR A 502 -16.42 24.93 -31.45
CA THR A 502 -16.82 24.18 -30.26
C THR A 502 -15.95 22.94 -30.16
N ALA A 503 -15.12 22.90 -29.12
CA ALA A 503 -14.26 21.75 -28.90
C ALA A 503 -15.06 20.62 -28.24
N LYS A 504 -14.58 19.39 -28.45
CA LYS A 504 -15.21 18.13 -28.03
C LYS A 504 -14.40 17.51 -26.90
N LEU A 505 -14.70 16.24 -26.59
CA LEU A 505 -13.90 15.41 -25.69
C LEU A 505 -13.05 14.45 -26.52
N TYR A 506 -12.07 13.83 -25.89
CA TYR A 506 -11.20 12.87 -26.57
C TYR A 506 -11.20 11.58 -25.76
N ILE A 507 -11.89 10.57 -26.28
CA ILE A 507 -12.11 9.32 -25.58
C ILE A 507 -11.90 8.17 -26.55
N GLY A 508 -11.07 7.20 -26.17
CA GLY A 508 -10.94 5.98 -26.97
C GLY A 508 -10.42 6.19 -28.37
N GLY A 509 -9.46 7.10 -28.52
CA GLY A 509 -8.87 7.35 -29.81
C GLY A 509 -9.71 8.17 -30.76
N LYS A 510 -10.80 8.78 -30.30
CA LYS A 510 -11.54 9.67 -31.18
C LYS A 510 -12.18 10.80 -30.40
N GLN A 511 -12.48 11.88 -31.11
CA GLN A 511 -13.24 12.97 -30.52
C GLN A 511 -14.70 12.54 -30.38
N THR A 512 -15.31 12.97 -29.28
CA THR A 512 -16.68 12.59 -29.00
C THR A 512 -17.43 13.75 -28.37
N ARG A 513 -18.72 13.84 -28.69
CA ARG A 513 -19.59 14.84 -28.09
C ARG A 513 -19.76 14.55 -26.59
N PRO A 514 -19.90 15.59 -25.78
CA PRO A 514 -20.27 15.37 -24.37
C PRO A 514 -21.63 14.71 -24.29
N ASP A 515 -21.74 13.68 -23.45
CA ASP A 515 -23.00 12.97 -23.29
C ASP A 515 -24.14 13.92 -22.88
N GLY A 516 -23.82 14.90 -22.04
CA GLY A 516 -24.81 15.87 -21.60
C GLY A 516 -25.19 16.91 -22.65
N GLY A 517 -24.37 17.07 -23.68
CA GLY A 517 -24.70 18.00 -24.76
C GLY A 517 -24.34 19.45 -24.52
N TYR A 518 -23.86 19.82 -23.34
CA TYR A 518 -23.60 21.21 -23.03
C TYR A 518 -22.14 21.58 -23.27
N SER A 519 -21.93 22.85 -23.64
CA SER A 519 -20.61 23.45 -23.69
C SER A 519 -20.72 24.87 -23.17
N ARG A 520 -19.61 25.40 -22.65
CA ARG A 520 -19.56 26.78 -22.19
C ARG A 520 -18.67 27.61 -23.09
N ALA A 521 -19.03 28.87 -23.25
CA ALA A 521 -18.17 29.81 -23.95
C ALA A 521 -16.89 30.01 -23.17
N VAL A 522 -15.77 30.16 -23.88
CA VAL A 522 -14.48 30.48 -23.28
C VAL A 522 -14.08 31.87 -23.78
N TYR A 523 -13.69 32.75 -22.85
CA TYR A 523 -13.37 34.13 -23.17
C TYR A 523 -11.93 34.44 -22.82
N GLY A 524 -11.34 35.35 -23.57
CA GLY A 524 -10.02 35.84 -23.23
C GLY A 524 -10.06 36.86 -22.12
N PRO A 525 -8.88 37.33 -21.73
CA PRO A 525 -8.77 38.24 -20.58
C PRO A 525 -9.56 39.53 -20.72
N LYS A 526 -9.83 39.99 -21.94
CA LYS A 526 -10.57 41.22 -22.17
C LYS A 526 -11.98 40.95 -22.70
N GLY A 527 -12.47 39.72 -22.58
CA GLY A 527 -13.83 39.39 -22.95
C GLY A 527 -14.04 38.96 -24.38
N LYS A 528 -12.99 38.76 -25.17
CA LYS A 528 -13.16 38.24 -26.52
C LYS A 528 -13.55 36.77 -26.47
N LEU A 529 -14.57 36.40 -27.23
CA LEU A 529 -14.97 35.01 -27.35
C LEU A 529 -13.90 34.23 -28.12
N LEU A 530 -13.38 33.15 -27.52
CA LEU A 530 -12.35 32.35 -28.17
C LEU A 530 -12.89 31.07 -28.77
N GLY A 531 -14.00 30.57 -28.25
CA GLY A 531 -14.55 29.29 -28.66
C GLY A 531 -15.42 28.76 -27.54
N HIS A 532 -15.72 27.46 -27.64
CA HIS A 532 -16.53 26.75 -26.67
C HIS A 532 -15.84 25.45 -26.28
N ALA A 533 -16.07 25.03 -25.03
CA ALA A 533 -15.51 23.79 -24.50
C ALA A 533 -16.62 22.94 -23.89
N SER A 534 -16.58 21.64 -24.18
CA SER A 534 -17.60 20.73 -23.67
C SER A 534 -17.58 20.67 -22.14
N LEU A 535 -18.76 20.44 -21.55
CA LEU A 535 -18.89 20.16 -20.13
C LEU A 535 -19.11 18.66 -19.99
N SER A 536 -18.09 17.93 -19.54
CA SER A 536 -18.20 16.48 -19.39
C SER A 536 -19.04 16.12 -18.16
N ASN A 537 -19.59 14.90 -18.18
CA ASN A 537 -20.39 14.38 -17.06
C ASN A 537 -19.94 12.97 -16.68
N ARG A 538 -20.68 12.34 -15.78
CA ARG A 538 -20.27 11.04 -15.27
C ARG A 538 -20.33 9.96 -16.34
N LYS A 539 -21.26 10.10 -17.29
CA LYS A 539 -21.32 9.15 -18.39
C LYS A 539 -20.09 9.26 -19.30
N ASP A 540 -19.61 10.48 -19.54
CA ASP A 540 -18.37 10.64 -20.28
C ASP A 540 -17.21 9.94 -19.58
N LEU A 541 -17.11 10.12 -18.25
CA LEU A 541 -16.08 9.43 -17.49
C LEU A 541 -16.23 7.92 -17.64
N ARG A 542 -17.46 7.41 -17.56
CA ARG A 542 -17.69 5.97 -17.71
C ARG A 542 -17.20 5.48 -19.06
N ASN A 543 -17.49 6.24 -20.13
CA ASN A 543 -16.99 5.89 -21.45
C ASN A 543 -15.46 5.90 -21.49
N ALA A 544 -14.83 6.88 -20.84
CA ALA A 544 -13.38 6.92 -20.81
C ALA A 544 -12.80 5.72 -20.06
N VAL A 545 -13.45 5.29 -18.97
CA VAL A 545 -12.95 4.14 -18.22
C VAL A 545 -13.08 2.86 -19.06
N GLU A 546 -14.21 2.69 -19.74
CA GLU A 546 -14.33 1.55 -20.67
C GLU A 546 -13.23 1.59 -21.73
N ALA A 547 -12.93 2.78 -22.27
CA ALA A 547 -11.86 2.90 -23.26
C ALA A 547 -10.51 2.52 -22.66
N MET A 548 -10.24 2.90 -21.42
CA MET A 548 -9.00 2.49 -20.79
C MET A 548 -8.97 0.98 -20.56
N ASN A 549 -10.12 0.37 -20.25
CA ASN A 549 -10.19 -1.07 -20.11
C ASN A 549 -9.84 -1.77 -21.42
N ALA A 550 -10.33 -1.24 -22.54
CA ALA A 550 -9.99 -1.83 -23.83
C ALA A 550 -8.51 -1.65 -24.16
N ALA A 551 -7.83 -0.69 -23.54
CA ALA A 551 -6.42 -0.44 -23.78
C ALA A 551 -5.51 -1.11 -22.75
N SER A 552 -5.96 -2.20 -22.11
CA SER A 552 -5.15 -2.85 -21.09
C SER A 552 -3.82 -3.37 -21.65
N GLY A 553 -3.77 -3.67 -22.95
CA GLY A 553 -2.54 -4.12 -23.57
C GLY A 553 -1.39 -3.11 -23.49
N TRP A 554 -1.71 -1.81 -23.38
CA TRP A 554 -0.67 -0.81 -23.18
C TRP A 554 0.15 -1.07 -21.92
N SER A 555 -0.48 -1.61 -20.87
CA SER A 555 0.24 -1.90 -19.63
C SER A 555 1.18 -3.09 -19.77
N ARG A 556 1.17 -3.79 -20.90
CA ARG A 556 2.07 -4.90 -21.16
C ARG A 556 3.07 -4.60 -22.27
N THR A 557 3.16 -3.35 -22.71
CA THR A 557 4.10 -2.99 -23.77
C THR A 557 5.51 -2.90 -23.21
N THR A 558 6.49 -2.90 -24.12
CA THR A 558 7.88 -2.68 -23.73
C THR A 558 8.12 -1.20 -23.44
N GLY A 559 9.11 -0.92 -22.57
CA GLY A 559 9.51 0.47 -22.36
C GLY A 559 9.94 1.16 -23.64
N HIS A 560 10.58 0.42 -24.54
CA HIS A 560 11.04 0.99 -25.80
C HIS A 560 9.88 1.51 -26.64
N LEU A 561 8.79 0.74 -26.70
CA LEU A 561 7.61 1.18 -27.45
C LEU A 561 7.02 2.44 -26.86
N ARG A 562 6.86 2.48 -25.54
CA ARG A 562 6.25 3.65 -24.94
C ARG A 562 7.12 4.88 -25.12
N ALA A 563 8.44 4.73 -25.04
CA ALA A 563 9.37 5.82 -25.32
C ALA A 563 9.17 6.37 -26.72
N GLN A 564 9.11 5.47 -27.72
CA GLN A 564 8.90 5.91 -29.10
C GLN A 564 7.65 6.76 -29.23
N ILE A 565 6.55 6.35 -28.58
CA ILE A 565 5.30 7.11 -28.65
C ILE A 565 5.48 8.48 -28.01
N LEU A 566 6.08 8.53 -26.83
CA LEU A 566 6.29 9.82 -26.16
C LEU A 566 7.23 10.72 -26.97
N TYR A 567 8.24 10.14 -27.64
CA TYR A 567 9.07 10.96 -28.52
C TYR A 567 8.24 11.56 -29.66
N PHE A 568 7.30 10.79 -30.21
CA PHE A 568 6.44 11.34 -31.27
C PHE A 568 5.58 12.48 -30.75
N ILE A 569 4.99 12.33 -29.56
CA ILE A 569 4.19 13.41 -28.99
C ILE A 569 5.04 14.68 -28.84
N GLY A 570 6.24 14.53 -28.28
CA GLY A 570 7.12 15.69 -28.15
C GLY A 570 7.46 16.33 -29.48
N GLU A 571 7.82 15.51 -30.48
CA GLU A 571 8.15 16.08 -31.79
C GLU A 571 6.92 16.73 -32.43
N ASN A 572 5.75 16.15 -32.27
CA ASN A 572 4.57 16.70 -32.91
C ASN A 572 4.06 17.94 -32.21
N LEU A 573 4.28 18.05 -30.89
CA LEU A 573 4.02 19.31 -30.20
C LEU A 573 4.98 20.39 -30.67
N SER A 574 6.27 20.04 -30.78
CA SER A 574 7.26 20.99 -31.26
CA SER A 574 7.26 20.99 -31.26
C SER A 574 6.88 21.57 -32.62
N ALA A 575 6.38 20.71 -33.51
CA ALA A 575 5.99 21.18 -34.84
C ALA A 575 4.85 22.19 -34.79
N ARG A 576 4.11 22.26 -33.69
CA ARG A 576 3.01 23.23 -33.54
C ARG A 576 3.28 24.20 -32.40
N ALA A 577 4.56 24.44 -32.07
CA ALA A 577 4.89 25.16 -30.84
C ALA A 577 4.32 26.57 -30.84
N ASP A 578 4.45 27.30 -31.96
CA ASP A 578 3.96 28.67 -31.98
C ASP A 578 2.45 28.71 -31.86
N GLU A 579 1.77 27.78 -32.51
CA GLU A 579 0.31 27.72 -32.41
C GLU A 579 -0.14 27.51 -30.96
N PHE A 580 0.54 26.63 -30.22
CA PHE A 580 0.14 26.40 -28.84
C PHE A 580 0.46 27.61 -27.96
N ALA A 581 1.60 28.27 -28.22
CA ALA A 581 1.91 29.47 -27.44
C ALA A 581 0.85 30.56 -27.67
N ASN A 582 0.40 30.71 -28.92
CA ASN A 582 -0.63 31.70 -29.24
C ASN A 582 -1.95 31.37 -28.55
N ARG A 583 -2.28 30.07 -28.46
CA ARG A 583 -3.52 29.69 -27.79
C ARG A 583 -3.46 30.02 -26.29
N ILE A 584 -2.32 29.69 -25.66
CA ILE A 584 -2.14 30.02 -24.25
C ILE A 584 -2.24 31.53 -24.05
N LYS A 585 -1.66 32.31 -24.95
CA LYS A 585 -1.70 33.76 -24.79
C LYS A 585 -3.11 34.29 -25.00
N ASP A 586 -3.80 33.81 -26.05
CA ASP A 586 -5.22 34.13 -26.23
C ASP A 586 -6.01 33.94 -24.93
N MET A 587 -5.78 32.81 -24.24
CA MET A 587 -6.59 32.47 -23.07
C MET A 587 -6.16 33.22 -21.81
N THR A 588 -4.86 33.45 -21.62
CA THR A 588 -4.38 33.97 -20.35
C THR A 588 -3.88 35.40 -20.40
N GLY A 589 -3.64 35.95 -21.59
CA GLY A 589 -3.02 37.24 -21.71
C GLY A 589 -1.52 37.26 -21.54
N LYS A 590 -0.90 36.11 -21.29
CA LYS A 590 0.55 36.02 -21.03
C LYS A 590 1.21 35.18 -22.11
N ASP A 591 2.42 35.57 -22.51
CA ASP A 591 3.15 34.86 -23.55
C ASP A 591 3.32 33.39 -23.17
N GLY A 592 3.06 32.49 -24.12
CA GLY A 592 3.06 31.07 -23.85
C GLY A 592 4.28 30.31 -24.29
N LYS A 593 5.30 30.98 -24.84
CA LYS A 593 6.42 30.24 -25.43
C LYS A 593 7.17 29.42 -24.38
N ALA A 594 7.37 29.98 -23.18
CA ALA A 594 8.12 29.23 -22.19
C ALA A 594 7.35 28.02 -21.69
N GLU A 595 6.03 28.13 -21.57
CA GLU A 595 5.24 26.98 -21.14
C GLU A 595 5.26 25.87 -22.19
N VAL A 596 5.17 26.22 -23.48
CA VAL A 596 5.24 25.22 -24.52
C VAL A 596 6.60 24.52 -24.50
N ALA A 597 7.68 25.30 -24.35
CA ALA A 597 9.01 24.69 -24.30
C ALA A 597 9.16 23.77 -23.11
N ALA A 598 8.59 24.14 -21.97
CA ALA A 598 8.63 23.24 -20.82
C ALA A 598 7.82 21.98 -21.08
N SER A 599 6.67 22.12 -21.75
CA SER A 599 5.83 20.96 -22.03
C SER A 599 6.55 19.96 -22.93
N ILE A 600 7.24 20.45 -23.96
CA ILE A 600 8.05 19.57 -24.81
C ILE A 600 9.11 18.88 -23.99
N ASP A 601 9.77 19.62 -23.09
CA ASP A 601 10.83 19.03 -22.29
C ASP A 601 10.30 17.93 -21.37
N ARG A 602 9.11 18.13 -20.79
CA ARG A 602 8.51 17.08 -19.95
C ARG A 602 8.24 15.82 -20.76
N LEU A 603 7.79 15.99 -22.01
CA LEU A 603 7.55 14.83 -22.87
C LEU A 603 8.84 14.08 -23.18
N PHE A 604 9.92 14.82 -23.47
CA PHE A 604 11.20 14.15 -23.75
C PHE A 604 11.81 13.54 -22.48
N SER A 605 11.55 14.12 -21.31
CA SER A 605 12.02 13.49 -20.07
C SER A 605 11.24 12.23 -19.78
N ALA A 606 9.91 12.24 -19.96
CA ALA A 606 9.13 11.01 -19.81
C ALA A 606 9.55 9.96 -20.83
N ALA A 607 9.76 10.37 -22.10
CA ALA A 607 10.26 9.42 -23.09
C ALA A 607 11.57 8.80 -22.64
N ALA A 608 12.46 9.64 -22.10
CA ALA A 608 13.75 9.17 -21.60
C ALA A 608 13.56 8.10 -20.52
N TRP A 609 12.62 8.33 -19.60
CA TRP A 609 12.45 7.45 -18.46
C TRP A 609 11.73 6.14 -18.79
N ALA A 610 11.01 6.10 -19.92
CA ALA A 610 10.07 5.00 -20.17
C ALA A 610 10.75 3.64 -20.08
N ASP A 611 12.02 3.53 -20.52
CA ASP A 611 12.72 2.24 -20.44
C ASP A 611 13.93 2.29 -19.50
N LYS A 612 13.87 3.10 -18.45
CA LYS A 612 15.04 3.30 -17.58
C LYS A 612 14.71 3.34 -16.10
N TYR A 613 13.46 3.14 -15.71
CA TYR A 613 13.03 3.16 -14.31
C TYR A 613 13.18 1.74 -13.78
N ASP A 614 14.38 1.42 -13.29
CA ASP A 614 14.76 0.02 -13.05
C ASP A 614 14.22 -0.51 -11.72
N GLY A 615 13.88 -1.78 -11.71
CA GLY A 615 13.67 -2.49 -10.47
C GLY A 615 14.98 -2.68 -9.71
N GLN A 616 14.86 -3.16 -8.48
CA GLN A 616 16.01 -3.30 -7.58
C GLN A 616 16.15 -4.74 -7.10
N VAL A 617 17.36 -5.29 -7.21
CA VAL A 617 17.66 -6.64 -6.74
C VAL A 617 18.13 -6.58 -5.29
N LYS A 618 17.44 -7.28 -4.40
CA LYS A 618 17.81 -7.33 -2.99
C LYS A 618 18.53 -8.63 -2.68
N GLY A 619 19.77 -8.50 -2.19
CA GLY A 619 20.40 -9.62 -1.51
C GLY A 619 19.68 -9.85 -0.20
N VAL A 620 19.33 -11.10 0.07
CA VAL A 620 18.65 -11.44 1.31
C VAL A 620 19.43 -12.55 1.98
N PRO A 621 19.44 -12.63 3.30
CA PRO A 621 20.13 -13.73 3.98
C PRO A 621 19.27 -14.99 4.00
N LEU A 622 18.29 -15.06 3.12
CA LEU A 622 17.49 -16.26 2.90
C LEU A 622 17.87 -16.84 1.54
N ARG A 623 17.15 -17.89 1.13
CA ARG A 623 17.38 -18.49 -0.19
C ARG A 623 17.14 -17.46 -1.28
N GLY A 624 18.15 -17.24 -2.12
CA GLY A 624 17.95 -16.51 -3.36
C GLY A 624 18.03 -15.00 -3.26
N VAL A 625 17.27 -14.31 -4.12
CA VAL A 625 17.21 -12.87 -4.20
C VAL A 625 15.76 -12.45 -4.31
N ALA A 626 15.48 -11.22 -3.90
CA ALA A 626 14.17 -10.62 -4.05
C ALA A 626 14.28 -9.52 -5.09
N LEU A 627 13.44 -9.59 -6.13
CA LEU A 627 13.41 -8.63 -7.22
C LEU A 627 12.27 -7.65 -6.95
N ALA A 628 12.61 -6.43 -6.53
CA ALA A 628 11.62 -5.39 -6.29
C ALA A 628 11.35 -4.70 -7.62
N MET A 629 10.44 -5.27 -8.41
CA MET A 629 10.11 -4.79 -9.75
C MET A 629 9.23 -3.55 -9.71
N LYS A 630 9.32 -2.75 -10.78
CA LYS A 630 8.40 -1.64 -10.99
C LYS A 630 7.30 -2.09 -11.95
N GLU A 631 6.05 -1.81 -11.60
CA GLU A 631 4.91 -2.16 -12.43
C GLU A 631 3.97 -0.95 -12.53
N PRO A 632 3.16 -0.89 -13.58
CA PRO A 632 2.17 0.20 -13.69
C PRO A 632 1.15 0.12 -12.56
N VAL A 633 0.61 1.28 -12.21
CA VAL A 633 -0.56 1.32 -11.32
C VAL A 633 -1.79 0.79 -12.05
N GLY A 634 -1.94 1.13 -13.33
CA GLY A 634 -3.08 0.68 -14.11
C GLY A 634 -3.81 1.84 -14.77
N LYS A 635 -5.00 2.16 -14.26
CA LYS A 635 -5.83 3.22 -14.80
C LYS A 635 -5.88 4.37 -13.80
N ILE A 636 -5.55 5.58 -14.26
CA ILE A 636 -5.42 6.74 -13.39
C ILE A 636 -6.33 7.85 -13.88
N GLY A 637 -7.16 8.38 -12.99
CA GLY A 637 -7.94 9.57 -13.28
C GLY A 637 -7.22 10.78 -12.69
N ILE A 638 -7.10 11.82 -13.50
CA ILE A 638 -6.26 12.98 -13.18
C ILE A 638 -7.06 14.26 -13.37
N LEU A 639 -7.08 15.13 -12.36
CA LEU A 639 -7.66 16.47 -12.51
C LEU A 639 -6.54 17.50 -12.47
N CYS A 640 -6.41 18.30 -13.55
CA CYS A 640 -5.32 19.23 -13.75
C CYS A 640 -5.63 20.59 -13.13
N PRO A 641 -4.61 21.36 -12.77
CA PRO A 641 -4.85 22.71 -12.24
C PRO A 641 -5.37 23.66 -13.30
N ASP A 642 -5.98 24.76 -12.83
CA ASP A 642 -6.36 25.84 -13.72
C ASP A 642 -5.12 26.37 -14.44
N ALA A 643 -4.14 26.80 -13.67
CA ALA A 643 -2.92 27.35 -14.23
C ALA A 643 -2.20 26.31 -15.08
N ALA A 644 -1.37 26.81 -15.99
CA ALA A 644 -0.56 25.98 -16.88
C ALA A 644 -1.47 25.13 -17.75
N PRO A 645 -2.23 25.76 -18.64
CA PRO A 645 -3.27 25.05 -19.41
C PRO A 645 -2.74 23.88 -20.22
N LEU A 646 -1.53 23.99 -20.75
CA LEU A 646 -0.86 22.89 -21.46
C LEU A 646 0.11 22.13 -20.55
N LEU A 647 1.00 22.85 -19.88
CA LEU A 647 2.06 22.22 -19.11
C LEU A 647 1.50 21.34 -18.00
N GLY A 648 0.43 21.79 -17.33
CA GLY A 648 -0.12 20.99 -16.24
C GLY A 648 -0.66 19.67 -16.73
N LEU A 649 -1.39 19.68 -17.84
CA LEU A 649 -1.86 18.43 -18.44
C LEU A 649 -0.70 17.55 -18.88
N VAL A 650 0.23 18.11 -19.65
CA VAL A 650 1.31 17.31 -20.23
C VAL A 650 2.21 16.76 -19.13
N SER A 651 2.49 17.56 -18.10
CA SER A 651 3.37 17.14 -17.00
C SER A 651 2.81 15.94 -16.24
N LEU A 652 1.49 15.83 -16.14
CA LEU A 652 0.88 14.72 -15.42
C LEU A 652 0.70 13.51 -16.32
N MET A 653 0.26 13.74 -17.56
CA MET A 653 0.01 12.66 -18.52
C MET A 653 1.29 11.90 -18.86
N ALA A 654 2.37 12.63 -19.17
CA ALA A 654 3.53 11.99 -19.80
C ALA A 654 4.23 10.99 -18.90
N PRO A 655 4.59 11.30 -17.64
CA PRO A 655 5.22 10.27 -16.80
C PRO A 655 4.29 9.11 -16.53
N ALA A 656 2.98 9.38 -16.45
CA ALA A 656 2.00 8.32 -16.21
C ALA A 656 2.02 7.29 -17.33
N ILE A 657 1.91 7.73 -18.58
CA ILE A 657 1.87 6.75 -19.66
C ILE A 657 3.26 6.18 -19.93
N ALA A 658 4.33 6.93 -19.65
CA ALA A 658 5.69 6.40 -19.76
C ALA A 658 5.85 5.12 -18.95
N MET A 659 5.19 5.04 -17.79
CA MET A 659 5.27 3.91 -16.90
C MET A 659 4.26 2.82 -17.20
N GLY A 660 3.52 2.95 -18.30
CA GLY A 660 2.62 1.90 -18.70
C GLY A 660 1.20 2.05 -18.19
N ASN A 661 0.84 3.21 -17.66
CA ASN A 661 -0.53 3.45 -17.23
C ASN A 661 -1.37 3.99 -18.39
N ARG A 662 -2.69 3.84 -18.25
CA ARG A 662 -3.66 4.55 -19.08
C ARG A 662 -4.31 5.62 -18.22
N VAL A 663 -4.64 6.76 -18.84
CA VAL A 663 -5.06 7.93 -18.07
C VAL A 663 -6.28 8.61 -18.67
N THR A 664 -7.07 9.21 -17.80
CA THR A 664 -8.13 10.12 -18.17
C THR A 664 -7.91 11.43 -17.41
N LEU A 665 -7.68 12.51 -18.14
CA LEU A 665 -7.37 13.80 -17.55
C LEU A 665 -8.56 14.72 -17.69
N ALA A 666 -8.91 15.38 -16.59
CA ALA A 666 -9.79 16.55 -16.63
C ALA A 666 -8.89 17.76 -16.80
N ALA A 667 -8.91 18.37 -17.98
CA ALA A 667 -8.04 19.51 -18.28
C ALA A 667 -8.43 20.72 -17.44
N SER A 668 -7.52 21.70 -17.43
CA SER A 668 -7.72 22.99 -16.76
C SER A 668 -9.14 23.49 -16.94
N GLU A 669 -9.86 23.64 -15.81
CA GLU A 669 -11.23 24.12 -15.90
C GLU A 669 -11.31 25.53 -16.48
N ALA A 670 -10.40 26.41 -16.06
CA ALA A 670 -10.47 27.81 -16.52
C ALA A 670 -10.06 27.95 -17.99
N PHE A 671 -9.09 27.15 -18.45
CA PHE A 671 -8.41 27.38 -19.72
C PHE A 671 -8.32 26.07 -20.52
N PRO A 672 -9.44 25.58 -21.04
CA PRO A 672 -9.44 24.21 -21.59
C PRO A 672 -8.93 24.08 -23.03
N LEU A 673 -8.75 25.17 -23.77
CA LEU A 673 -8.57 25.06 -25.23
C LEU A 673 -7.17 24.62 -25.65
N ALA A 674 -6.16 24.71 -24.78
CA ALA A 674 -4.88 24.11 -25.13
C ALA A 674 -4.95 22.59 -25.11
N ALA A 675 -5.67 22.03 -24.12
CA ALA A 675 -5.82 20.58 -24.08
C ALA A 675 -6.61 20.07 -25.28
N THR A 676 -7.60 20.85 -25.73
CA THR A 676 -8.38 20.36 -26.87
C THR A 676 -7.60 20.51 -28.17
N ASP A 677 -6.75 21.55 -28.30
CA ASP A 677 -5.80 21.58 -29.42
C ASP A 677 -4.85 20.40 -29.38
N PHE A 678 -4.61 19.82 -28.20
CA PHE A 678 -3.68 18.71 -28.05
C PHE A 678 -4.21 17.38 -28.60
N TYR A 679 -5.54 17.28 -28.81
CA TYR A 679 -6.12 16.05 -29.38
C TYR A 679 -5.44 15.66 -30.69
N GLN A 680 -5.25 16.63 -31.58
CA GLN A 680 -4.58 16.37 -32.86
C GLN A 680 -3.17 15.86 -32.66
N VAL A 681 -2.46 16.36 -31.65
CA VAL A 681 -1.11 15.85 -31.37
C VAL A 681 -1.18 14.37 -31.01
N LEU A 682 -2.12 13.99 -30.13
CA LEU A 682 -2.24 12.59 -29.76
C LEU A 682 -2.58 11.73 -30.97
N ASP A 683 -3.45 12.23 -31.85
CA ASP A 683 -3.82 11.48 -33.04
CA ASP A 683 -3.82 11.48 -33.05
C ASP A 683 -2.63 11.33 -33.99
N THR A 684 -1.91 12.43 -34.25
CA THR A 684 -0.76 12.38 -35.15
C THR A 684 0.36 11.51 -34.61
N SER A 685 0.46 11.36 -33.28
CA SER A 685 1.53 10.59 -32.68
C SER A 685 1.18 9.11 -32.49
N ASP A 686 0.03 8.66 -33.01
CA ASP A 686 -0.36 7.23 -32.96
C ASP A 686 -0.45 6.72 -31.52
N VAL A 687 -0.93 7.56 -30.61
CA VAL A 687 -1.21 7.12 -29.25
C VAL A 687 -2.33 6.07 -29.33
N PRO A 688 -2.12 4.85 -28.85
CA PRO A 688 -3.18 3.84 -28.98
C PRO A 688 -4.46 4.29 -28.29
N ALA A 689 -5.58 3.91 -28.89
CA ALA A 689 -6.89 4.33 -28.39
C ALA A 689 -7.05 3.93 -26.93
N GLY A 690 -7.60 4.84 -26.12
CA GLY A 690 -7.87 4.58 -24.72
C GLY A 690 -6.71 4.84 -23.78
N VAL A 691 -5.49 5.03 -24.30
CA VAL A 691 -4.34 5.24 -23.43
C VAL A 691 -4.34 6.64 -22.85
N VAL A 692 -4.71 7.64 -23.65
CA VAL A 692 -4.90 9.01 -23.15
C VAL A 692 -6.32 9.44 -23.50
N ASN A 693 -7.11 9.78 -22.49
CA ASN A 693 -8.44 10.32 -22.64
C ASN A 693 -8.50 11.67 -21.94
N ILE A 694 -9.18 12.64 -22.56
CA ILE A 694 -9.23 13.99 -22.04
C ILE A 694 -10.68 14.45 -21.94
N LEU A 695 -11.06 14.88 -20.74
CA LEU A 695 -12.35 15.50 -20.47
C LEU A 695 -12.14 16.99 -20.20
N THR A 696 -13.08 17.82 -20.65
CA THR A 696 -13.10 19.21 -20.23
C THR A 696 -14.36 19.47 -19.40
N GLY A 697 -14.37 20.59 -18.65
CA GLY A 697 -15.56 21.01 -17.95
C GLY A 697 -15.29 21.30 -16.46
N ALA A 698 -16.35 21.23 -15.66
CA ALA A 698 -16.31 21.67 -14.27
C ALA A 698 -15.80 20.54 -13.37
N HIS A 699 -14.74 20.81 -12.62
CA HIS A 699 -14.19 19.74 -11.78
C HIS A 699 -15.10 19.41 -10.60
N ALA A 700 -16.00 20.33 -10.22
CA ALA A 700 -17.04 19.99 -9.27
C ALA A 700 -17.94 18.87 -9.77
N ASP A 701 -18.09 18.72 -11.09
CA ASP A 701 -18.88 17.63 -11.64
C ASP A 701 -18.08 16.31 -11.66
N LEU A 702 -16.77 16.38 -11.76
CA LEU A 702 -15.95 15.20 -12.05
C LEU A 702 -15.14 14.67 -10.88
N ALA A 703 -14.78 15.51 -9.90
CA ALA A 703 -13.83 15.10 -8.87
C ALA A 703 -14.35 13.90 -8.08
N GLU A 704 -15.57 14.00 -7.53
CA GLU A 704 -16.06 12.87 -6.74
C GLU A 704 -16.31 11.62 -7.59
N PRO A 705 -16.88 11.73 -8.80
CA PRO A 705 -17.01 10.51 -9.61
C PRO A 705 -15.69 9.83 -9.93
N MET A 706 -14.64 10.59 -10.22
CA MET A 706 -13.35 9.98 -10.52
C MET A 706 -12.77 9.31 -9.27
N ALA A 707 -12.80 10.01 -8.13
CA ALA A 707 -12.26 9.45 -6.90
C ALA A 707 -13.05 8.23 -6.44
N ARG A 708 -14.36 8.21 -6.67
CA ARG A 708 -15.15 7.07 -6.22
C ARG A 708 -15.01 5.86 -7.15
N HIS A 709 -14.74 6.08 -8.44
CA HIS A 709 -14.94 5.04 -9.47
C HIS A 709 -14.28 3.73 -9.08
N LEU A 710 -15.07 2.65 -9.05
CA LEU A 710 -14.52 1.39 -8.56
C LEU A 710 -13.59 0.72 -9.56
N ASP A 711 -13.48 1.25 -10.79
CA ASP A 711 -12.63 0.66 -11.83
C ASP A 711 -11.44 1.54 -12.18
N LEU A 712 -11.14 2.54 -11.34
CA LEU A 712 -9.87 3.27 -11.39
C LEU A 712 -8.96 2.81 -10.27
N ASP A 713 -7.67 2.67 -10.59
CA ASP A 713 -6.65 2.24 -9.64
C ASP A 713 -6.01 3.40 -8.87
N ALA A 714 -6.19 4.63 -9.33
CA ALA A 714 -5.60 5.78 -8.66
C ALA A 714 -6.31 7.03 -9.13
N VAL A 715 -6.38 8.02 -8.25
CA VAL A 715 -6.91 9.34 -8.59
C VAL A 715 -5.91 10.39 -8.16
N TRP A 716 -5.55 11.28 -9.07
CA TRP A 716 -4.66 12.40 -8.81
C TRP A 716 -5.48 13.67 -8.94
N GLY A 717 -5.76 14.32 -7.81
CA GLY A 717 -6.56 15.53 -7.83
C GLY A 717 -5.72 16.76 -7.56
N LEU A 718 -5.25 17.45 -8.62
CA LEU A 718 -4.36 18.58 -8.43
C LEU A 718 -5.07 19.92 -8.65
N SER A 719 -6.40 19.93 -8.53
CA SER A 719 -7.17 21.17 -8.65
C SER A 719 -8.02 21.44 -7.41
N GLY A 720 -7.67 20.84 -6.27
CA GLY A 720 -8.50 20.98 -5.08
C GLY A 720 -9.45 19.81 -4.89
N HIS A 721 -10.49 20.05 -4.10
CA HIS A 721 -11.43 18.99 -3.72
C HIS A 721 -10.75 17.85 -2.96
N ALA A 722 -9.67 18.14 -2.23
CA ALA A 722 -8.86 17.06 -1.65
C ALA A 722 -9.66 16.21 -0.66
N GLN A 723 -10.45 16.84 0.22
CA GLN A 723 -11.22 16.05 1.19
C GLN A 723 -12.21 15.12 0.51
N VAL A 724 -12.99 15.65 -0.44
CA VAL A 724 -13.95 14.82 -1.15
C VAL A 724 -13.24 13.70 -1.91
N ILE A 725 -12.12 14.02 -2.56
CA ILE A 725 -11.41 13.01 -3.33
C ILE A 725 -10.89 11.91 -2.41
N GLU A 726 -10.21 12.30 -1.33
CA GLU A 726 -9.58 11.30 -0.48
C GLU A 726 -10.62 10.44 0.25
N ALA A 727 -11.77 11.02 0.62
CA ALA A 727 -12.82 10.23 1.26
C ALA A 727 -13.45 9.25 0.28
N ALA A 728 -13.77 9.72 -0.93
CA ALA A 728 -14.40 8.83 -1.90
C ALA A 728 -13.45 7.72 -2.35
N SER A 729 -12.14 7.97 -2.31
CA SER A 729 -11.17 6.95 -2.69
C SER A 729 -11.26 5.71 -1.82
N ALA A 730 -11.87 5.82 -0.62
CA ALA A 730 -11.96 4.67 0.27
C ALA A 730 -12.88 3.58 -0.28
N GLY A 731 -13.70 3.87 -1.30
CA GLY A 731 -14.57 2.84 -1.85
C GLY A 731 -13.81 1.60 -2.28
N ASN A 732 -12.80 1.76 -3.12
CA ASN A 732 -11.95 0.64 -3.48
C ASN A 732 -10.52 0.84 -3.00
N LEU A 733 -10.28 1.83 -2.13
CA LEU A 733 -8.95 2.08 -1.58
C LEU A 733 -7.91 2.29 -2.68
N LYS A 734 -8.35 2.87 -3.81
CA LYS A 734 -7.40 3.31 -4.82
C LYS A 734 -6.34 4.20 -4.19
N ARG A 735 -5.17 4.24 -4.81
CA ARG A 735 -4.20 5.25 -4.42
C ARG A 735 -4.71 6.63 -4.78
N SER A 736 -4.33 7.62 -3.98
CA SER A 736 -4.74 8.99 -4.23
C SER A 736 -3.55 9.91 -4.02
N TRP A 737 -3.52 10.99 -4.79
CA TRP A 737 -2.53 12.06 -4.62
C TRP A 737 -3.25 13.39 -4.85
N THR A 738 -3.21 14.29 -3.87
CA THR A 738 -3.86 15.59 -4.02
C THR A 738 -2.86 16.74 -3.94
N GLY A 739 -1.60 16.47 -4.25
CA GLY A 739 -0.60 17.50 -4.31
C GLY A 739 0.27 17.54 -3.08
N PRO A 740 1.06 18.61 -2.93
CA PRO A 740 1.13 19.77 -3.83
C PRO A 740 1.69 19.43 -5.22
N PHE A 741 1.30 20.21 -6.22
CA PHE A 741 1.83 20.06 -7.57
C PHE A 741 1.97 21.45 -8.17
N ASP A 742 3.20 21.86 -8.43
CA ASP A 742 3.49 23.13 -9.09
C ASP A 742 3.97 22.83 -10.50
N PRO A 743 3.18 23.10 -11.54
CA PRO A 743 3.61 22.73 -12.91
C PRO A 743 4.89 23.42 -13.36
N ALA A 744 5.21 24.59 -12.81
CA ALA A 744 6.46 25.27 -13.14
C ALA A 744 7.69 24.47 -12.72
N HIS A 745 7.54 23.57 -11.77
CA HIS A 745 8.61 22.74 -11.24
C HIS A 745 8.62 21.40 -11.95
N ASP A 746 9.80 20.86 -12.25
CA ASP A 746 9.88 19.55 -12.89
C ASP A 746 9.78 18.48 -11.82
N HIS A 747 8.60 17.86 -11.73
CA HIS A 747 8.28 16.80 -10.77
C HIS A 747 8.46 15.40 -11.34
N THR A 748 9.08 15.25 -12.52
CA THR A 748 8.98 14.01 -13.28
C THR A 748 9.33 12.79 -12.43
N ARG A 749 10.49 12.82 -11.76
CA ARG A 749 10.91 11.61 -11.03
C ARG A 749 9.94 11.27 -9.91
N ASP A 750 9.43 12.28 -9.20
CA ASP A 750 8.44 12.02 -8.16
C ASP A 750 7.16 11.43 -8.74
N ILE A 751 6.70 11.93 -9.88
CA ILE A 751 5.47 11.39 -10.46
C ILE A 751 5.65 9.94 -10.89
N LEU A 752 6.85 9.55 -11.31
CA LEU A 752 7.12 8.14 -11.61
C LEU A 752 6.76 7.23 -10.44
N SER A 753 7.04 7.67 -9.21
CA SER A 753 6.69 6.86 -8.05
C SER A 753 5.17 6.81 -7.85
N HIS A 754 4.48 7.96 -8.01
CA HIS A 754 3.01 7.94 -7.99
C HIS A 754 2.44 7.02 -9.07
N ALA A 755 3.15 6.85 -10.19
CA ALA A 755 2.67 6.13 -11.35
C ALA A 755 3.06 4.65 -11.38
N THR A 756 3.72 4.14 -10.35
CA THR A 756 4.16 2.75 -10.35
C THR A 756 3.80 2.09 -9.03
N GLU A 757 3.73 0.75 -9.07
CA GLU A 757 3.66 -0.11 -7.91
C GLU A 757 4.93 -0.94 -7.82
N VAL A 758 5.34 -1.24 -6.60
CA VAL A 758 6.46 -2.17 -6.39
C VAL A 758 5.91 -3.57 -6.19
N LYS A 759 6.41 -4.52 -6.98
CA LYS A 759 6.05 -5.93 -6.86
C LYS A 759 7.33 -6.72 -6.63
N THR A 760 7.44 -7.39 -5.49
CA THR A 760 8.67 -8.07 -5.11
C THR A 760 8.54 -9.57 -5.38
N ILE A 761 9.38 -10.08 -6.28
CA ILE A 761 9.36 -11.48 -6.69
C ILE A 761 10.58 -12.15 -6.08
N TRP A 762 10.36 -13.18 -5.25
CA TRP A 762 11.45 -13.92 -4.65
C TRP A 762 11.80 -15.14 -5.51
N VAL A 763 13.02 -15.16 -6.04
CA VAL A 763 13.43 -16.23 -6.95
C VAL A 763 14.65 -16.97 -6.39
N PRO A 764 14.80 -18.26 -6.70
CA PRO A 764 16.04 -18.96 -6.37
C PRO A 764 17.24 -18.25 -7.00
N TYR A 765 18.40 -18.39 -6.35
CA TYR A 765 19.63 -17.80 -6.84
C TYR A 765 20.81 -18.35 -6.05
N GLY A 766 21.84 -18.83 -6.75
CA GLY A 766 22.93 -19.55 -6.10
C GLY A 766 23.70 -18.83 -5.02
S SO4 B . 1.18 7.56 -3.75
O1 SO4 B . 2.44 7.24 -4.40
O2 SO4 B . 0.56 6.35 -3.21
O3 SO4 B . 0.24 8.17 -4.71
O4 SO4 B . 1.48 8.48 -2.65
S SO4 C . -33.21 10.30 -16.63
O1 SO4 C . -33.35 10.54 -18.07
O2 SO4 C . -34.10 9.22 -16.23
O3 SO4 C . -31.84 9.92 -16.31
O4 SO4 C . -33.54 11.52 -15.91
S SO4 D . -8.55 -12.20 4.36
O1 SO4 D . -7.85 -12.89 3.29
O2 SO4 D . -8.93 -13.17 5.38
O3 SO4 D . -9.74 -11.55 3.80
O4 SO4 D . -7.68 -11.18 4.95
C1 GOL E . -1.33 -15.21 15.44
C1 GOL E . -1.49 -15.54 15.01
O1 GOL E . -2.21 -15.16 16.56
O1 GOL E . -2.33 -15.25 16.11
C2 GOL E . 0.03 -15.82 15.93
C2 GOL E . -0.08 -15.82 15.58
O2 GOL E . -0.18 -16.84 16.87
O2 GOL E . -0.13 -16.71 16.67
C3 GOL E . 0.76 -16.33 14.63
C3 GOL E . 0.81 -16.37 14.39
O3 GOL E . 2.02 -16.82 15.01
O3 GOL E . 0.04 -16.41 13.21
#